data_5EX4
#
_entry.id   5EX4
#
_cell.length_a   204.680
_cell.length_b   204.680
_cell.length_c   66.740
_cell.angle_alpha   90.000
_cell.angle_beta   90.000
_cell.angle_gamma   120.000
#
_symmetry.space_group_name_H-M   'P 32 2 1'
#
loop_
_entity.id
_entity.type
_entity.pdbx_description
1 polymer '3-deoxy-D-arabinoheptulosonate-7-phosphate synthase'
2 non-polymer 'MANGANESE (II) ION'
3 non-polymer TRYPTOPHAN
4 non-polymer 'SULFATE ION'
5 non-polymer GLYCEROL
6 non-polymer 'PHOSPHATE ION'
7 non-polymer 'CHLORIDE ION'
8 water water
#
_entity_poly.entity_id   1
_entity_poly.type   'polypeptide(L)'
_entity_poly.pdbx_seq_one_letter_code
;GAMNWTVDIPIDQLPSLPPLPTDLRTRLDAALAKPAAQQPTWPADQALAMRTVLESVPPVTVPSEIVRLQEQLAQVAKGE
AFLLQGGDCAETFMDNTEPHIRGNVRALLQMAVVLTYGASMPVVKVARIAGQYAKPRSADIDALGLRSYRGDMINGFAPD
AAAREHDPSRLVRAYANASAAMNLVRALTSSGLASLHLVHDWNREFVRTSPAGARYEALATEIDRGLRFMSACGVADRNL
QTAEIYASHEALVLDYERAMLRLSDGDDGEPQLFDLSAHTVWIGERTRQIDGAHIAFAQVIANPVGVKLGPNMTPELAVE
YVERLDPHNKPGRLTLVSRMGNHKVRDLLPPIVEKVQATGHQVIWQCDPMHGNTHESSTGFKTRHFDRIVDEVQGFFEVH
RALGTHPGGIHVEITGENVTECLGGAQDISETDLAGRYETACDPRLNTQQSLELAFLVAEMLRD
;
_entity_poly.pdbx_strand_id   A,B
#
loop_
_chem_comp.id
_chem_comp.type
_chem_comp.name
_chem_comp.formula
CL non-polymer 'CHLORIDE ION' 'Cl -1'
GOL non-polymer GLYCEROL 'C3 H8 O3'
MN non-polymer 'MANGANESE (II) ION' 'Mn 2'
PO4 non-polymer 'PHOSPHATE ION' 'O4 P -3'
SO4 non-polymer 'SULFATE ION' 'O4 S -2'
#
# COMPACT_ATOMS: atom_id res chain seq x y z
N MET A 3 4.67 29.33 14.30
CA MET A 3 4.85 29.90 15.67
C MET A 3 4.29 28.96 16.73
N ASN A 4 3.10 28.44 16.48
CA ASN A 4 2.62 27.22 17.15
C ASN A 4 3.13 26.03 16.33
N TRP A 5 3.00 24.83 16.87
CA TRP A 5 3.72 23.69 16.31
C TRP A 5 2.90 22.75 15.40
N THR A 6 2.20 23.34 14.43
CA THR A 6 1.64 22.57 13.32
C THR A 6 2.17 23.14 12.00
N VAL A 7 1.85 22.48 10.89
CA VAL A 7 2.16 22.99 9.56
C VAL A 7 0.98 22.71 8.66
N ASP A 8 0.71 23.65 7.76
CA ASP A 8 -0.44 23.54 6.90
C ASP A 8 0.03 22.95 5.62
N ILE A 9 -0.59 21.87 5.22
CA ILE A 9 -0.24 21.25 3.99
C ILE A 9 -1.38 21.57 3.02
N PRO A 10 -1.07 22.30 1.95
CA PRO A 10 -2.07 22.68 0.94
C PRO A 10 -2.63 21.48 0.17
N ILE A 11 -3.92 21.55 -0.18
CA ILE A 11 -4.57 20.46 -0.90
C ILE A 11 -4.91 20.83 -2.37
N ASP A 12 -6.19 20.97 -2.67
CA ASP A 12 -6.69 21.33 -4.01
C ASP A 12 -6.26 20.38 -5.14
N GLN A 13 -5.82 20.97 -6.24
CA GLN A 13 -5.36 20.22 -7.42
C GLN A 13 -6.28 19.13 -7.98
N LEU A 14 -7.58 19.39 -8.08
CA LEU A 14 -8.49 18.35 -8.63
C LEU A 14 -8.32 18.16 -10.13
N PRO A 15 -8.28 16.91 -10.58
CA PRO A 15 -8.50 16.74 -12.00
C PRO A 15 -10.00 16.64 -12.21
N SER A 16 -10.42 16.51 -13.45
CA SER A 16 -11.81 16.16 -13.71
C SER A 16 -11.80 14.68 -14.05
N LEU A 17 -12.35 13.87 -13.15
CA LEU A 17 -12.63 12.49 -13.51
C LEU A 17 -14.14 12.43 -13.79
N PRO A 18 -14.55 11.57 -14.72
CA PRO A 18 -15.99 11.48 -14.99
C PRO A 18 -16.79 11.08 -13.73
N PRO A 19 -18.00 11.62 -13.58
CA PRO A 19 -18.84 11.25 -12.43
C PRO A 19 -19.32 9.81 -12.52
N LEU A 20 -19.83 9.28 -11.42
CA LEU A 20 -20.45 7.96 -11.44
C LEU A 20 -21.66 8.02 -12.37
N PRO A 21 -22.11 6.87 -12.90
CA PRO A 21 -23.27 6.92 -13.80
C PRO A 21 -24.53 7.57 -13.15
N THR A 22 -25.31 8.22 -13.97
CA THR A 22 -26.55 8.88 -13.56
C THR A 22 -27.54 7.97 -12.83
N ASP A 23 -27.75 6.76 -13.32
CA ASP A 23 -28.74 5.90 -12.67
C ASP A 23 -28.31 5.51 -11.28
N LEU A 24 -27.03 5.19 -11.08
N LEU A 24 -27.03 5.24 -11.15
CA LEU A 24 -26.57 4.80 -9.74
CA LEU A 24 -26.42 4.89 -9.89
C LEU A 24 -26.51 6.04 -8.80
C LEU A 24 -26.53 6.03 -8.87
N ARG A 25 -26.18 7.21 -9.34
CA ARG A 25 -26.22 8.42 -8.52
C ARG A 25 -27.67 8.73 -8.10
N THR A 26 -28.60 8.55 -9.02
CA THR A 26 -30.03 8.68 -8.72
C THR A 26 -30.43 7.74 -7.58
N ARG A 27 -30.04 6.48 -7.66
CA ARG A 27 -30.33 5.56 -6.56
C ARG A 27 -29.65 5.93 -5.26
N LEU A 28 -28.41 6.38 -5.36
CA LEU A 28 -27.63 6.75 -4.19
C LEU A 28 -28.24 7.98 -3.50
N ASP A 29 -28.65 8.98 -4.29
CA ASP A 29 -29.22 10.19 -3.74
C ASP A 29 -30.50 9.89 -2.97
N ALA A 30 -31.31 8.99 -3.50
CA ALA A 30 -32.53 8.55 -2.82
C ALA A 30 -32.23 7.89 -1.47
N ALA A 31 -31.24 7.02 -1.42
CA ALA A 31 -30.81 6.41 -0.16
C ALA A 31 -30.27 7.40 0.86
N LEU A 32 -29.45 8.33 0.42
CA LEU A 32 -28.87 9.29 1.34
C LEU A 32 -29.79 10.42 1.72
N ALA A 33 -30.97 10.49 1.11
CA ALA A 33 -32.02 11.37 1.61
C ALA A 33 -32.58 10.90 2.98
N LYS A 34 -32.32 9.67 3.37
CA LYS A 34 -32.76 9.18 4.67
C LYS A 34 -31.94 9.80 5.78
N PRO A 35 -32.56 9.95 6.97
CA PRO A 35 -31.85 10.60 8.04
C PRO A 35 -30.68 9.74 8.52
N ALA A 36 -29.58 10.41 8.85
CA ALA A 36 -28.34 9.80 9.31
C ALA A 36 -28.03 10.23 10.76
N ALA A 37 -27.89 9.27 11.65
CA ALA A 37 -27.49 9.63 13.00
C ALA A 37 -25.98 9.89 13.09
N GLN A 38 -25.60 10.70 14.08
CA GLN A 38 -24.23 10.79 14.55
C GLN A 38 -23.28 11.39 13.54
N GLN A 39 -23.76 12.28 12.69
CA GLN A 39 -22.94 12.84 11.65
C GLN A 39 -22.25 14.12 12.13
N PRO A 40 -21.03 14.36 11.63
CA PRO A 40 -20.36 15.61 11.93
C PRO A 40 -21.24 16.79 11.60
N THR A 41 -20.98 17.93 12.23
CA THR A 41 -21.82 19.11 12.10
C THR A 41 -21.12 20.20 11.32
N TRP A 42 -20.13 19.82 10.53
CA TRP A 42 -19.43 20.77 9.68
C TRP A 42 -20.30 21.28 8.53
N PRO A 43 -19.93 22.41 7.92
CA PRO A 43 -20.75 22.98 6.87
C PRO A 43 -20.75 22.21 5.56
N ALA A 44 -21.90 22.19 4.91
CA ALA A 44 -22.13 21.41 3.69
C ALA A 44 -21.23 21.78 2.54
N ASP A 45 -20.94 23.07 2.42
CA ASP A 45 -20.14 23.51 1.30
C ASP A 45 -18.70 23.03 1.50
N GLN A 46 -18.24 23.02 2.75
CA GLN A 46 -16.93 22.48 3.08
C GLN A 46 -16.88 20.95 2.91
N ALA A 47 -17.86 20.25 3.44
CA ALA A 47 -18.02 18.83 3.21
C ALA A 47 -17.97 18.49 1.71
N LEU A 48 -18.65 19.29 0.89
CA LEU A 48 -18.71 19.05 -0.54
C LEU A 48 -17.36 19.19 -1.18
N ALA A 49 -16.64 20.25 -0.80
CA ALA A 49 -15.34 20.47 -1.36
C ALA A 49 -14.39 19.29 -1.00
N MET A 50 -14.41 18.82 0.23
CA MET A 50 -13.55 17.69 0.62
C MET A 50 -13.98 16.37 -0.02
N ARG A 51 -15.27 16.13 -0.13
CA ARG A 51 -15.74 14.98 -0.87
C ARG A 51 -15.23 14.98 -2.29
N THR A 52 -15.25 16.15 -2.90
CA THR A 52 -14.79 16.29 -4.26
C THR A 52 -13.32 15.89 -4.40
N VAL A 53 -12.50 16.24 -3.42
CA VAL A 53 -11.12 15.79 -3.39
C VAL A 53 -11.07 14.26 -3.38
N LEU A 54 -11.81 13.65 -2.47
CA LEU A 54 -11.76 12.22 -2.24
C LEU A 54 -12.28 11.40 -3.43
N GLU A 55 -13.16 12.00 -4.21
CA GLU A 55 -13.74 11.31 -5.33
C GLU A 55 -12.72 11.02 -6.41
N SER A 56 -11.62 11.75 -6.44
CA SER A 56 -10.63 11.48 -7.44
C SER A 56 -9.31 10.85 -6.92
N VAL A 57 -9.21 10.51 -5.64
CA VAL A 57 -7.96 9.92 -5.14
C VAL A 57 -7.90 8.41 -5.48
N PRO A 58 -6.69 7.83 -5.52
CA PRO A 58 -6.54 6.35 -5.63
C PRO A 58 -7.18 5.63 -4.44
N PRO A 59 -7.92 4.58 -4.71
CA PRO A 59 -8.71 3.95 -3.69
C PRO A 59 -7.81 3.19 -2.72
N VAL A 60 -8.31 2.89 -1.54
CA VAL A 60 -7.56 2.15 -0.53
C VAL A 60 -7.56 0.65 -0.83
N THR A 61 -8.67 0.19 -1.43
CA THR A 61 -8.85 -1.19 -1.84
C THR A 61 -9.38 -1.21 -3.26
N VAL A 62 -9.37 -2.38 -3.89
CA VAL A 62 -9.89 -2.49 -5.24
C VAL A 62 -10.92 -3.60 -5.31
N PRO A 63 -11.81 -3.54 -6.33
CA PRO A 63 -13.01 -4.42 -6.32
C PRO A 63 -12.70 -5.90 -6.33
N SER A 64 -11.67 -6.31 -7.06
CA SER A 64 -11.38 -7.74 -7.13
C SER A 64 -10.95 -8.32 -5.80
N GLU A 65 -10.36 -7.50 -4.92
CA GLU A 65 -10.07 -7.96 -3.56
C GLU A 65 -11.33 -8.21 -2.75
N ILE A 66 -12.30 -7.34 -2.94
CA ILE A 66 -13.53 -7.42 -2.21
C ILE A 66 -14.34 -8.60 -2.76
N VAL A 67 -14.30 -8.81 -4.05
CA VAL A 67 -14.93 -10.03 -4.60
C VAL A 67 -14.28 -11.27 -3.98
N ARG A 68 -12.97 -11.26 -3.86
CA ARG A 68 -12.29 -12.40 -3.29
C ARG A 68 -12.63 -12.59 -1.81
N LEU A 69 -12.69 -11.50 -1.05
CA LEU A 69 -13.14 -11.60 0.33
C LEU A 69 -14.56 -12.16 0.44
N GLN A 70 -15.44 -11.73 -0.45
CA GLN A 70 -16.83 -12.20 -0.42
C GLN A 70 -16.87 -13.74 -0.59
N GLU A 71 -16.02 -14.26 -1.46
CA GLU A 71 -15.90 -15.71 -1.66
C GLU A 71 -15.38 -16.40 -0.42
N GLN A 72 -14.44 -15.79 0.26
CA GLN A 72 -13.94 -16.37 1.49
C GLN A 72 -14.93 -16.33 2.63
N LEU A 73 -15.70 -15.25 2.67
CA LEU A 73 -16.77 -15.09 3.64
C LEU A 73 -17.94 -16.05 3.38
N ALA A 74 -18.22 -16.36 2.11
CA ALA A 74 -19.22 -17.39 1.79
C ALA A 74 -18.83 -18.71 2.44
N GLN A 75 -17.54 -19.01 2.44
CA GLN A 75 -17.05 -20.20 3.07
C GLN A 75 -17.23 -20.18 4.58
N VAL A 76 -17.03 -19.03 5.21
CA VAL A 76 -17.30 -18.92 6.62
C VAL A 76 -18.78 -19.19 6.88
N ALA A 77 -19.65 -18.56 6.09
CA ALA A 77 -21.09 -18.65 6.32
C ALA A 77 -21.57 -20.11 6.28
N LYS A 78 -20.97 -20.89 5.39
CA LYS A 78 -21.24 -22.33 5.22
C LYS A 78 -20.60 -23.25 6.21
N GLY A 79 -19.93 -22.71 7.22
CA GLY A 79 -19.33 -23.55 8.26
C GLY A 79 -17.97 -24.12 7.87
N GLU A 80 -17.33 -23.55 6.86
CA GLU A 80 -16.08 -24.13 6.37
C GLU A 80 -14.88 -23.22 6.54
N ALA A 81 -15.08 -22.14 7.27
CA ALA A 81 -13.99 -21.23 7.61
C ALA A 81 -14.41 -20.39 8.80
N PHE A 82 -13.46 -19.66 9.38
CA PHE A 82 -13.69 -18.94 10.61
C PHE A 82 -13.18 -17.50 10.42
N LEU A 83 -13.96 -16.54 10.92
CA LEU A 83 -13.64 -15.12 10.76
C LEU A 83 -12.99 -14.54 12.00
N LEU A 84 -11.82 -13.96 11.83
CA LEU A 84 -11.14 -13.27 12.92
C LEU A 84 -10.97 -11.81 12.53
N GLN A 85 -11.54 -10.93 13.33
CA GLN A 85 -11.53 -9.50 13.06
C GLN A 85 -11.10 -8.77 14.32
N GLY A 86 -10.11 -7.88 14.18
CA GLY A 86 -9.46 -7.32 15.34
C GLY A 86 -8.54 -6.16 15.02
N GLY A 87 -8.35 -5.30 16.02
CA GLY A 87 -7.50 -4.12 15.90
C GLY A 87 -7.92 -3.08 16.93
N ASP A 88 -7.46 -1.85 16.73
CA ASP A 88 -7.69 -0.78 17.69
C ASP A 88 -9.17 -0.44 17.76
N CYS A 89 -9.63 -0.01 18.92
CA CYS A 89 -10.96 0.56 19.00
C CYS A 89 -11.02 1.80 18.09
N ALA A 90 -10.13 2.73 18.33
CA ALA A 90 -10.04 3.95 17.55
C ALA A 90 -8.59 4.12 17.12
N GLU A 91 -8.35 4.14 15.81
CA GLU A 91 -7.02 4.48 15.32
C GLU A 91 -6.86 5.98 15.44
N THR A 92 -5.64 6.43 15.65
CA THR A 92 -5.37 7.87 15.68
C THR A 92 -4.32 8.19 14.66
N PHE A 93 -4.36 9.42 14.16
CA PHE A 93 -3.36 9.89 13.26
C PHE A 93 -1.96 9.85 13.87
N MET A 94 -1.80 10.28 15.11
N MET A 94 -1.85 10.23 15.14
CA MET A 94 -0.45 10.34 15.65
CA MET A 94 -0.56 10.33 15.78
C MET A 94 0.11 8.94 15.96
C MET A 94 0.08 8.96 15.98
N ASP A 95 -0.73 7.95 16.21
CA ASP A 95 -0.23 6.59 16.41
C ASP A 95 -0.17 5.72 15.13
N ASN A 96 -0.39 6.34 13.97
CA ASN A 96 -0.42 5.61 12.72
C ASN A 96 1.01 5.50 12.20
N THR A 97 1.82 4.75 12.94
CA THR A 97 3.25 4.65 12.70
C THR A 97 3.59 3.21 12.29
N GLU A 98 4.79 3.03 11.74
CA GLU A 98 5.26 1.74 11.38
C GLU A 98 5.22 0.76 12.57
N PRO A 99 5.79 1.13 13.73
CA PRO A 99 5.79 0.16 14.81
C PRO A 99 4.42 -0.21 15.31
N HIS A 100 3.51 0.74 15.36
CA HIS A 100 2.22 0.43 15.88
C HIS A 100 1.42 -0.42 14.91
N ILE A 101 1.50 -0.10 13.62
CA ILE A 101 0.80 -0.89 12.60
C ILE A 101 1.36 -2.32 12.54
N ARG A 102 2.68 -2.41 12.56
CA ARG A 102 3.35 -3.71 12.55
C ARG A 102 2.95 -4.53 13.76
N GLY A 103 2.93 -3.92 14.94
CA GLY A 103 2.51 -4.64 16.14
C GLY A 103 1.08 -5.14 16.07
N ASN A 104 0.18 -4.29 15.58
CA ASN A 104 -1.21 -4.72 15.43
C ASN A 104 -1.41 -5.86 14.44
N VAL A 105 -0.75 -5.77 13.29
CA VAL A 105 -0.77 -6.86 12.30
C VAL A 105 -0.19 -8.12 12.90
N ARG A 106 0.94 -7.99 13.60
CA ARG A 106 1.53 -9.14 14.28
C ARG A 106 0.56 -9.78 15.26
N ALA A 107 -0.08 -8.97 16.11
CA ALA A 107 -0.97 -9.50 17.13
C ALA A 107 -2.09 -10.30 16.48
N LEU A 108 -2.61 -9.76 15.38
CA LEU A 108 -3.72 -10.41 14.69
C LEU A 108 -3.24 -11.76 14.08
N LEU A 109 -2.07 -11.75 13.48
CA LEU A 109 -1.48 -12.94 12.89
C LEU A 109 -1.20 -14.02 13.93
N GLN A 110 -0.71 -13.61 15.09
CA GLN A 110 -0.47 -14.55 16.17
C GLN A 110 -1.76 -15.25 16.59
N MET A 111 -2.81 -14.49 16.79
CA MET A 111 -4.08 -15.10 17.10
C MET A 111 -4.52 -16.03 15.98
N ALA A 112 -4.35 -15.59 14.74
CA ALA A 112 -4.79 -16.36 13.58
C ALA A 112 -4.11 -17.75 13.48
N VAL A 113 -2.83 -17.86 13.81
CA VAL A 113 -2.16 -19.18 13.78
C VAL A 113 -2.90 -20.15 14.71
N VAL A 114 -3.11 -19.70 15.95
CA VAL A 114 -3.69 -20.52 16.97
C VAL A 114 -5.12 -20.86 16.61
N LEU A 115 -5.86 -19.91 16.03
CA LEU A 115 -7.24 -20.19 15.69
C LEU A 115 -7.39 -21.05 14.44
N THR A 116 -6.45 -20.91 13.50
CA THR A 116 -6.42 -21.78 12.34
C THR A 116 -6.23 -23.25 12.77
N TYR A 117 -5.23 -23.48 13.64
CA TYR A 117 -5.00 -24.81 14.16
C TYR A 117 -6.21 -25.33 14.95
N GLY A 118 -6.73 -24.49 15.83
CA GLY A 118 -7.86 -24.86 16.69
C GLY A 118 -9.13 -25.12 15.93
N ALA A 119 -9.39 -24.33 14.91
CA ALA A 119 -10.60 -24.50 14.10
C ALA A 119 -10.46 -25.59 13.05
N SER A 120 -9.23 -26.00 12.77
CA SER A 120 -8.96 -26.93 11.68
C SER A 120 -9.59 -26.49 10.37
N MET A 121 -9.59 -25.18 10.11
CA MET A 121 -10.10 -24.66 8.85
C MET A 121 -9.51 -23.25 8.62
N PRO A 122 -9.61 -22.72 7.38
CA PRO A 122 -9.07 -21.41 7.11
C PRO A 122 -9.68 -20.30 8.00
N VAL A 123 -8.83 -19.36 8.38
CA VAL A 123 -9.24 -18.15 9.08
C VAL A 123 -9.18 -16.95 8.14
N VAL A 124 -10.30 -16.26 7.97
CA VAL A 124 -10.30 -15.01 7.20
C VAL A 124 -9.88 -13.89 8.17
N LYS A 125 -8.80 -13.18 7.85
CA LYS A 125 -8.15 -12.27 8.77
C LYS A 125 -8.49 -10.84 8.34
N VAL A 126 -9.27 -10.14 9.16
CA VAL A 126 -9.73 -8.81 8.84
C VAL A 126 -9.27 -7.88 9.97
N ALA A 127 -8.49 -6.86 9.61
CA ALA A 127 -8.02 -5.95 10.62
C ALA A 127 -8.99 -4.76 10.74
N ARG A 128 -9.16 -4.25 11.95
CA ARG A 128 -9.74 -2.93 12.15
C ARG A 128 -8.62 -1.96 11.93
N ILE A 129 -8.52 -1.39 10.76
CA ILE A 129 -7.37 -0.59 10.46
C ILE A 129 -7.61 0.14 9.18
N ALA A 130 -6.79 1.16 8.94
CA ALA A 130 -6.82 1.93 7.72
C ALA A 130 -8.19 2.55 7.51
N GLY A 131 -8.71 3.10 8.58
CA GLY A 131 -9.95 3.84 8.48
C GLY A 131 -10.87 3.92 9.68
N GLN A 132 -10.47 3.33 10.81
CA GLN A 132 -11.30 3.31 12.01
C GLN A 132 -11.05 4.61 12.77
N TYR A 133 -11.49 5.71 12.17
CA TYR A 133 -11.11 7.05 12.58
C TYR A 133 -12.33 7.90 13.03
N ALA A 134 -13.46 7.23 13.26
CA ALA A 134 -14.71 7.91 13.59
C ALA A 134 -15.50 7.06 14.55
N LYS A 135 -16.12 7.73 15.52
CA LYS A 135 -16.95 7.06 16.48
C LYS A 135 -18.20 7.89 16.78
N PRO A 136 -19.26 7.24 17.28
CA PRO A 136 -20.43 7.93 17.80
C PRO A 136 -20.14 8.46 19.18
N ARG A 137 -21.04 9.28 19.73
N ARG A 137 -20.85 9.53 19.55
CA ARG A 137 -21.08 9.47 21.20
CA ARG A 137 -20.51 10.32 20.73
C ARG A 137 -22.52 9.59 21.72
C ARG A 137 -20.87 9.48 21.96
N SER A 138 -22.70 9.37 23.02
N SER A 138 -20.06 9.52 23.02
CA SER A 138 -24.04 9.43 23.62
CA SER A 138 -20.44 8.84 24.26
C SER A 138 -24.38 10.86 23.95
C SER A 138 -20.81 9.82 25.34
N ALA A 139 -23.42 11.58 24.51
N ALA A 139 -21.07 11.06 24.94
CA ALA A 139 -23.65 12.96 24.87
CA ALA A 139 -21.66 12.07 25.83
C ALA A 139 -22.77 13.88 24.04
C ALA A 139 -22.02 13.34 25.05
N ASP A 140 -23.30 15.05 23.75
N ASP A 140 -23.15 13.94 25.43
CA ASP A 140 -22.58 16.02 22.98
CA ASP A 140 -23.62 15.19 24.84
C ASP A 140 -21.60 16.80 23.88
C ASP A 140 -22.56 16.27 25.04
N ILE A 141 -21.65 16.56 25.20
N ILE A 141 -22.08 16.40 26.28
CA ILE A 141 -20.79 17.25 26.14
CA ILE A 141 -20.95 17.25 26.57
C ILE A 141 -20.12 16.28 27.11
C ILE A 141 -20.06 16.40 27.44
N ASP A 142 -18.78 16.27 27.10
CA ASP A 142 -17.98 15.34 27.89
C ASP A 142 -17.70 15.87 29.32
N ALA A 143 -17.03 15.06 30.13
CA ALA A 143 -16.80 15.36 31.54
C ALA A 143 -16.01 16.62 31.76
N LEU A 144 -15.31 17.08 30.73
CA LEU A 144 -14.50 18.27 30.86
C LEU A 144 -15.23 19.51 30.35
N GLY A 145 -16.50 19.36 29.97
CA GLY A 145 -17.28 20.50 29.50
C GLY A 145 -17.05 20.83 28.05
N LEU A 146 -16.47 19.88 27.32
CA LEU A 146 -16.16 20.10 25.92
C LEU A 146 -17.07 19.28 25.04
N ARG A 147 -17.27 19.76 23.81
CA ARG A 147 -17.79 18.88 22.76
C ARG A 147 -16.98 17.59 22.74
N SER A 148 -17.66 16.49 22.56
CA SER A 148 -17.04 15.19 22.57
C SER A 148 -16.06 14.94 21.43
N TYR A 149 -15.02 14.20 21.76
CA TYR A 149 -14.14 13.62 20.79
C TYR A 149 -14.92 12.64 19.93
N ARG A 150 -14.84 12.77 18.63
CA ARG A 150 -15.59 11.89 17.71
C ARG A 150 -14.67 11.03 16.82
N GLY A 151 -13.37 11.05 17.13
CA GLY A 151 -12.38 10.33 16.32
C GLY A 151 -11.74 11.30 15.37
N ASP A 152 -10.54 10.97 14.95
CA ASP A 152 -9.67 11.88 14.21
C ASP A 152 -10.12 12.28 12.83
N MET A 153 -11.08 11.56 12.26
CA MET A 153 -11.68 11.97 11.00
C MET A 153 -12.61 13.19 11.19
N ILE A 154 -13.02 13.43 12.44
CA ILE A 154 -13.97 14.49 12.74
C ILE A 154 -13.32 15.59 13.56
N ASN A 155 -12.69 15.25 14.67
CA ASN A 155 -12.03 16.25 15.49
C ASN A 155 -10.83 15.69 16.24
N GLY A 156 -10.21 16.51 17.08
CA GLY A 156 -9.00 16.10 17.83
C GLY A 156 -9.26 15.64 19.24
N PHE A 157 -8.46 14.66 19.67
CA PHE A 157 -8.50 14.09 21.02
C PHE A 157 -8.14 15.10 22.11
N ALA A 158 -7.28 16.07 21.80
CA ALA A 158 -6.76 16.97 22.82
C ALA A 158 -7.94 17.69 23.47
N PRO A 159 -7.92 17.83 24.80
CA PRO A 159 -8.98 18.50 25.54
C PRO A 159 -8.90 20.00 25.40
N ASP A 160 -9.17 20.50 24.21
CA ASP A 160 -9.36 21.92 24.04
C ASP A 160 -10.30 22.21 22.94
N ALA A 161 -10.96 23.34 23.10
CA ALA A 161 -12.13 23.70 22.34
C ALA A 161 -11.84 23.72 20.85
N ALA A 162 -10.71 24.32 20.49
CA ALA A 162 -10.36 24.50 19.09
C ALA A 162 -10.16 23.12 18.41
N ALA A 163 -9.46 22.23 19.08
CA ALA A 163 -9.25 20.90 18.58
C ALA A 163 -10.57 20.11 18.40
N ARG A 164 -11.61 20.46 19.17
CA ARG A 164 -12.85 19.68 19.18
C ARG A 164 -13.87 20.10 18.14
N GLU A 165 -13.59 21.20 17.47
CA GLU A 165 -14.47 21.60 16.42
C GLU A 165 -14.39 20.59 15.26
N HIS A 166 -15.51 20.36 14.58
CA HIS A 166 -15.58 19.39 13.50
C HIS A 166 -14.97 19.97 12.23
N ASP A 167 -13.86 19.37 11.77
CA ASP A 167 -13.03 19.96 10.73
C ASP A 167 -12.92 19.04 9.50
N PRO A 168 -13.63 19.40 8.41
CA PRO A 168 -13.75 18.48 7.28
C PRO A 168 -12.45 18.24 6.54
N SER A 169 -11.41 19.03 6.81
CA SER A 169 -10.13 18.75 6.22
C SER A 169 -9.61 17.42 6.76
N ARG A 170 -10.13 16.99 7.91
CA ARG A 170 -9.74 15.71 8.47
C ARG A 170 -10.21 14.50 7.63
N LEU A 171 -11.17 14.71 6.74
CA LEU A 171 -11.57 13.66 5.81
C LEU A 171 -10.40 13.26 4.91
N VAL A 172 -9.68 14.28 4.45
CA VAL A 172 -8.55 14.10 3.55
C VAL A 172 -7.35 13.56 4.32
N ARG A 173 -7.13 14.08 5.51
CA ARG A 173 -6.10 13.56 6.37
C ARG A 173 -6.39 12.09 6.73
N ALA A 174 -7.66 11.75 6.90
CA ALA A 174 -8.02 10.35 7.21
C ALA A 174 -7.70 9.44 6.02
N TYR A 175 -8.01 9.91 4.81
CA TYR A 175 -7.71 9.18 3.61
C TYR A 175 -6.18 8.98 3.48
N ALA A 176 -5.41 10.05 3.63
CA ALA A 176 -3.94 9.91 3.51
C ALA A 176 -3.39 8.88 4.51
N ASN A 177 -3.81 8.99 5.75
CA ASN A 177 -3.40 8.04 6.78
C ASN A 177 -3.84 6.61 6.49
N ALA A 178 -5.04 6.45 5.94
CA ALA A 178 -5.57 5.12 5.64
C ALA A 178 -4.78 4.47 4.53
N SER A 179 -4.52 5.22 3.49
CA SER A 179 -3.79 4.70 2.35
C SER A 179 -2.36 4.38 2.71
N ALA A 180 -1.75 5.21 3.56
CA ALA A 180 -0.38 4.94 4.01
C ALA A 180 -0.34 3.69 4.86
N ALA A 181 -1.32 3.51 5.73
CA ALA A 181 -1.36 2.33 6.56
C ALA A 181 -1.62 1.10 5.70
N MET A 182 -2.54 1.18 4.76
CA MET A 182 -2.86 0.00 3.94
C MET A 182 -1.66 -0.40 3.11
N ASN A 183 -0.95 0.59 2.58
CA ASN A 183 0.26 0.32 1.85
C ASN A 183 1.24 -0.53 2.67
N LEU A 184 1.39 -0.16 3.94
CA LEU A 184 2.29 -0.85 4.82
C LEU A 184 1.77 -2.25 5.18
N VAL A 185 0.46 -2.38 5.38
CA VAL A 185 -0.10 -3.67 5.68
C VAL A 185 0.17 -4.59 4.48
N ARG A 186 -0.03 -4.10 3.27
CA ARG A 186 0.24 -4.91 2.07
C ARG A 186 1.72 -5.34 2.01
N ALA A 187 2.62 -4.41 2.30
CA ALA A 187 4.05 -4.66 2.19
C ALA A 187 4.47 -5.69 3.20
N LEU A 188 4.04 -5.52 4.45
CA LEU A 188 4.43 -6.40 5.52
C LEU A 188 3.93 -7.83 5.28
N THR A 189 2.68 -7.97 4.85
CA THR A 189 2.09 -9.28 4.72
C THR A 189 2.57 -10.04 3.51
N SER A 190 3.13 -9.34 2.51
CA SER A 190 3.67 -9.99 1.34
C SER A 190 5.19 -10.19 1.38
N SER A 191 5.88 -9.62 2.35
CA SER A 191 7.35 -9.61 2.32
C SER A 191 7.95 -10.27 3.55
N GLY A 192 7.15 -10.92 4.39
CA GLY A 192 7.78 -11.73 5.44
C GLY A 192 7.21 -11.66 6.84
N LEU A 193 6.49 -10.59 7.19
CA LEU A 193 5.90 -10.55 8.54
C LEU A 193 4.86 -11.64 8.74
N ALA A 194 4.20 -12.04 7.65
CA ALA A 194 3.12 -13.00 7.75
C ALA A 194 3.59 -14.44 7.41
N SER A 195 4.89 -14.70 7.56
CA SER A 195 5.43 -16.05 7.45
C SER A 195 4.96 -16.90 8.63
N LEU A 196 4.27 -17.97 8.33
CA LEU A 196 3.69 -18.81 9.39
C LEU A 196 4.72 -19.18 10.44
N HIS A 197 5.91 -19.56 9.98
CA HIS A 197 6.97 -20.01 10.87
C HIS A 197 7.45 -18.90 11.76
N LEU A 198 7.58 -17.70 11.22
CA LEU A 198 8.00 -16.55 12.04
C LEU A 198 6.92 -16.21 13.06
N VAL A 199 5.67 -16.18 12.63
CA VAL A 199 4.59 -15.82 13.54
C VAL A 199 4.53 -16.82 14.69
N HIS A 200 4.67 -18.09 14.36
CA HIS A 200 4.61 -19.12 15.37
C HIS A 200 5.79 -19.10 16.33
N ASP A 201 6.97 -18.73 15.86
CA ASP A 201 8.09 -18.47 16.79
C ASP A 201 7.73 -17.44 17.85
N TRP A 202 7.06 -16.36 17.44
CA TRP A 202 6.62 -15.36 18.41
C TRP A 202 5.66 -16.01 19.39
N ASN A 203 4.77 -16.88 18.91
CA ASN A 203 3.90 -17.60 19.83
C ASN A 203 4.66 -18.46 20.83
N ARG A 204 5.76 -19.06 20.40
CA ARG A 204 6.53 -19.96 21.28
C ARG A 204 7.18 -19.14 22.39
N GLU A 205 7.65 -17.96 22.03
CA GLU A 205 8.23 -17.04 22.99
C GLU A 205 7.21 -16.57 24.02
N PHE A 206 5.96 -16.37 23.61
CA PHE A 206 4.89 -16.03 24.54
C PHE A 206 4.64 -17.13 25.57
N VAL A 207 4.69 -18.37 25.11
CA VAL A 207 4.43 -19.51 25.98
C VAL A 207 5.59 -19.71 26.96
N ARG A 208 6.79 -19.41 26.51
CA ARG A 208 7.96 -19.55 27.33
C ARG A 208 8.02 -18.50 28.43
N THR A 209 7.40 -17.33 28.22
CA THR A 209 7.52 -16.21 29.16
C THR A 209 6.22 -15.77 29.87
N SER A 210 5.06 -16.13 29.36
CA SER A 210 3.80 -15.74 30.01
C SER A 210 3.72 -16.37 31.39
N PRO A 211 3.01 -15.69 32.32
CA PRO A 211 2.82 -16.30 33.62
C PRO A 211 1.96 -17.55 33.57
N ALA A 212 1.14 -17.71 32.54
CA ALA A 212 0.32 -18.90 32.39
C ALA A 212 0.80 -19.79 31.23
N GLY A 213 2.07 -19.63 30.83
CA GLY A 213 2.64 -20.40 29.72
C GLY A 213 2.38 -21.88 29.88
N ALA A 214 2.55 -22.37 31.09
CA ALA A 214 2.41 -23.78 31.36
C ALA A 214 1.04 -24.26 30.92
N ARG A 215 0.04 -23.41 31.04
CA ARG A 215 -1.30 -23.84 30.68
C ARG A 215 -1.47 -23.98 29.16
N TYR A 216 -0.66 -23.26 28.40
CA TYR A 216 -0.82 -23.19 26.93
C TYR A 216 0.22 -24.00 26.18
N GLU A 217 1.16 -24.56 26.93
N GLU A 217 1.19 -24.55 26.92
CA GLU A 217 2.32 -25.28 26.41
CA GLU A 217 2.32 -25.29 26.35
C GLU A 217 1.94 -26.45 25.52
C GLU A 217 1.90 -26.45 25.47
N ALA A 218 0.96 -27.24 25.96
CA ALA A 218 0.56 -28.46 25.26
C ALA A 218 0.01 -28.09 23.89
N LEU A 219 -0.88 -27.11 23.86
CA LEU A 219 -1.46 -26.70 22.62
C LEU A 219 -0.42 -26.09 21.72
N ALA A 220 0.51 -25.35 22.29
CA ALA A 220 1.53 -24.70 21.47
C ALA A 220 2.51 -25.70 20.85
N THR A 221 2.77 -26.78 21.56
CA THR A 221 3.69 -27.83 21.13
C THR A 221 3.01 -28.61 20.00
N GLU A 222 1.74 -28.87 20.19
CA GLU A 222 0.94 -29.54 19.19
C GLU A 222 0.92 -28.75 17.87
N ILE A 223 0.76 -27.42 17.96
CA ILE A 223 0.82 -26.57 16.76
C ILE A 223 2.17 -26.67 16.11
N ASP A 224 3.22 -26.58 16.93
CA ASP A 224 4.59 -26.71 16.45
C ASP A 224 4.82 -28.02 15.67
N ARG A 225 4.24 -29.09 16.20
CA ARG A 225 4.35 -30.39 15.59
C ARG A 225 3.52 -30.50 14.34
N GLY A 226 2.40 -29.77 14.30
CA GLY A 226 1.60 -29.63 13.09
C GLY A 226 2.39 -28.95 12.01
N LEU A 227 3.10 -27.90 12.36
CA LEU A 227 3.95 -27.18 11.42
C LEU A 227 5.07 -28.01 10.86
N ARG A 228 5.78 -28.70 11.73
CA ARG A 228 6.87 -29.55 11.30
C ARG A 228 6.35 -30.72 10.43
N PHE A 229 5.12 -31.17 10.65
CA PHE A 229 4.55 -32.28 9.87
C PHE A 229 4.43 -31.83 8.41
N MET A 230 4.14 -30.55 8.20
CA MET A 230 4.00 -30.00 6.84
C MET A 230 5.33 -30.04 6.11
N SER A 231 6.38 -29.59 6.78
CA SER A 231 7.71 -29.75 6.24
C SER A 231 8.04 -31.22 6.05
N ALA A 232 7.67 -32.07 7.01
CA ALA A 232 8.05 -33.47 6.90
C ALA A 232 7.39 -34.12 5.69
N CYS A 233 6.18 -33.67 5.34
CA CYS A 233 5.45 -34.22 4.19
C CYS A 233 5.85 -33.54 2.88
N GLY A 234 6.81 -32.61 2.94
CA GLY A 234 7.32 -31.95 1.75
C GLY A 234 6.30 -31.07 1.01
N VAL A 235 5.36 -30.50 1.73
N VAL A 235 5.36 -30.51 1.74
CA VAL A 235 4.34 -29.67 1.08
CA VAL A 235 4.40 -29.59 1.13
C VAL A 235 4.93 -28.38 0.51
C VAL A 235 5.12 -28.45 0.40
N ALA A 236 4.54 -28.02 -0.72
CA ALA A 236 4.99 -26.76 -1.36
C ALA A 236 4.61 -25.59 -0.43
N ASP A 237 5.61 -24.87 0.05
CA ASP A 237 5.45 -24.11 1.24
C ASP A 237 5.24 -22.59 0.99
N ARG A 238 5.07 -22.22 -0.27
CA ARG A 238 4.84 -20.82 -0.62
C ARG A 238 3.62 -20.18 0.07
N ASN A 239 2.53 -20.92 0.21
N ASN A 239 2.56 -20.96 0.20
CA ASN A 239 1.35 -20.40 0.86
CA ASN A 239 1.34 -20.56 0.89
C ASN A 239 1.54 -20.30 2.38
C ASN A 239 1.58 -20.24 2.35
N LEU A 240 2.68 -20.74 2.89
CA LEU A 240 3.01 -20.48 4.29
C LEU A 240 3.81 -19.17 4.51
N GLN A 241 4.20 -18.52 3.44
CA GLN A 241 5.09 -17.37 3.51
C GLN A 241 4.39 -16.02 3.63
N THR A 242 3.11 -15.96 3.22
CA THR A 242 2.32 -14.77 3.22
C THR A 242 0.88 -15.09 3.73
N ALA A 243 0.13 -14.05 4.04
CA ALA A 243 -1.28 -14.15 4.41
C ALA A 243 -1.98 -12.88 3.95
N GLU A 244 -3.30 -12.97 3.80
CA GLU A 244 -4.11 -11.81 3.44
C GLU A 244 -4.69 -11.21 4.70
N ILE A 245 -4.48 -9.93 4.91
CA ILE A 245 -5.17 -9.18 5.98
C ILE A 245 -6.03 -8.15 5.30
N TYR A 246 -7.34 -8.25 5.51
CA TYR A 246 -8.27 -7.30 4.94
C TYR A 246 -8.44 -6.14 5.89
N ALA A 247 -8.91 -5.03 5.36
CA ALA A 247 -9.15 -3.81 6.10
C ALA A 247 -10.66 -3.64 6.29
N SER A 248 -11.03 -3.22 7.49
CA SER A 248 -12.40 -2.94 7.84
C SER A 248 -12.45 -1.78 8.82
N HIS A 249 -13.58 -1.08 8.83
CA HIS A 249 -13.89 -0.12 9.87
C HIS A 249 -15.40 0.09 9.96
N GLU A 250 -15.83 0.78 11.01
CA GLU A 250 -17.23 1.17 11.10
C GLU A 250 -17.53 2.22 10.06
N ALA A 251 -18.48 1.94 9.16
CA ALA A 251 -18.94 2.94 8.22
C ALA A 251 -19.83 3.94 8.97
N LEU A 252 -19.27 5.10 9.32
CA LEU A 252 -19.99 6.03 10.20
C LEU A 252 -20.17 7.36 9.53
N VAL A 253 -19.09 7.93 9.04
CA VAL A 253 -19.12 9.21 8.39
C VAL A 253 -19.48 9.11 6.92
N LEU A 254 -20.71 9.47 6.59
CA LEU A 254 -21.21 9.21 5.26
C LEU A 254 -20.58 10.08 4.22
N ASP A 255 -20.14 11.29 4.58
CA ASP A 255 -19.35 12.11 3.65
C ASP A 255 -18.09 11.38 3.16
N TYR A 256 -17.45 10.63 4.05
CA TYR A 256 -16.24 9.87 3.69
C TYR A 256 -16.59 8.67 2.85
N GLU A 257 -17.51 7.85 3.35
CA GLU A 257 -17.86 6.62 2.65
C GLU A 257 -18.41 6.90 1.25
N ARG A 258 -19.23 7.93 1.13
CA ARG A 258 -19.80 8.18 -0.17
C ARG A 258 -18.78 8.73 -1.13
N ALA A 259 -17.79 9.47 -0.65
CA ALA A 259 -16.79 9.99 -1.56
C ALA A 259 -15.84 8.90 -2.02
N MET A 260 -15.78 7.80 -1.29
CA MET A 260 -14.88 6.70 -1.61
C MET A 260 -15.57 5.62 -2.48
N LEU A 261 -16.82 5.87 -2.86
CA LEU A 261 -17.53 5.00 -3.78
C LEU A 261 -16.92 5.00 -5.16
N ARG A 262 -16.78 3.81 -5.76
CA ARG A 262 -16.26 3.66 -7.12
C ARG A 262 -17.05 2.59 -7.86
N LEU A 263 -17.07 2.70 -9.18
CA LEU A 263 -17.72 1.68 -10.04
C LEU A 263 -16.70 0.65 -10.50
N SER A 264 -16.99 -0.64 -10.37
CA SER A 264 -16.02 -1.65 -10.82
C SER A 264 -16.02 -1.64 -12.36
N ASP A 265 -14.94 -2.15 -12.95
CA ASP A 265 -14.84 -2.24 -14.39
C ASP A 265 -15.78 -3.32 -14.89
N GLY A 266 -16.12 -3.27 -16.17
CA GLY A 266 -17.04 -4.21 -16.78
C GLY A 266 -16.66 -5.68 -16.80
N ASP A 267 -15.37 -5.98 -16.80
CA ASP A 267 -14.89 -7.36 -16.88
C ASP A 267 -15.35 -8.31 -15.77
N ASP A 268 -15.43 -7.81 -14.55
CA ASP A 268 -15.85 -8.64 -13.42
C ASP A 268 -17.38 -8.71 -13.25
N GLY A 269 -18.04 -9.45 -14.12
CA GLY A 269 -19.48 -9.62 -14.03
C GLY A 269 -20.32 -8.36 -13.97
N GLU A 270 -20.03 -7.39 -14.84
CA GLU A 270 -20.78 -6.11 -14.91
C GLU A 270 -20.22 -5.08 -13.90
N PRO A 271 -20.73 -3.84 -13.89
CA PRO A 271 -20.17 -2.93 -12.90
C PRO A 271 -21.12 -2.56 -11.76
N GLN A 272 -20.62 -2.65 -10.53
CA GLN A 272 -21.40 -2.29 -9.33
C GLN A 272 -20.65 -1.26 -8.50
N LEU A 273 -21.38 -0.67 -7.55
CA LEU A 273 -20.81 0.21 -6.57
C LEU A 273 -20.11 -0.52 -5.45
N PHE A 274 -18.84 -0.19 -5.27
CA PHE A 274 -18.10 -0.61 -4.10
C PHE A 274 -17.65 0.63 -3.33
N ASP A 275 -17.62 0.52 -2.01
CA ASP A 275 -16.92 1.46 -1.15
C ASP A 275 -15.46 0.98 -1.05
N LEU A 276 -14.55 1.74 -1.64
CA LEU A 276 -13.14 1.36 -1.71
C LEU A 276 -12.31 2.06 -0.64
N SER A 277 -12.94 2.40 0.48
CA SER A 277 -12.22 2.91 1.64
C SER A 277 -11.78 1.76 2.52
N ALA A 278 -12.28 0.57 2.23
CA ALA A 278 -12.03 -0.62 3.01
C ALA A 278 -12.50 -1.85 2.21
N HIS A 279 -12.27 -3.03 2.75
CA HIS A 279 -12.80 -4.23 2.11
C HIS A 279 -14.17 -4.53 2.67
N THR A 280 -14.30 -4.52 3.99
CA THR A 280 -15.62 -4.71 4.59
C THR A 280 -15.86 -3.63 5.63
N VAL A 281 -17.12 -3.28 5.82
CA VAL A 281 -17.50 -2.31 6.84
C VAL A 281 -18.67 -2.84 7.62
N TRP A 282 -18.84 -2.33 8.83
CA TRP A 282 -20.00 -2.66 9.59
C TRP A 282 -20.78 -1.39 10.02
N ILE A 283 -22.05 -1.58 10.40
CA ILE A 283 -22.90 -0.51 10.93
C ILE A 283 -23.01 -0.73 12.44
N GLY A 284 -22.76 0.32 13.23
CA GLY A 284 -22.83 0.20 14.70
C GLY A 284 -24.22 0.26 15.31
N GLU A 285 -24.28 0.03 16.63
CA GLU A 285 -25.53 0.00 17.38
C GLU A 285 -26.30 1.30 17.24
N ARG A 286 -25.59 2.42 17.24
CA ARG A 286 -26.23 3.72 17.23
C ARG A 286 -26.63 4.26 15.90
N THR A 287 -26.30 3.54 14.84
CA THR A 287 -26.61 4.01 13.48
C THR A 287 -27.29 2.98 12.62
N ARG A 288 -27.75 1.91 13.22
CA ARG A 288 -28.45 0.88 12.45
C ARG A 288 -29.97 1.07 12.30
N GLN A 289 -30.46 2.29 12.39
CA GLN A 289 -31.91 2.52 12.22
C GLN A 289 -32.31 1.89 10.88
N ILE A 290 -33.34 1.06 10.93
CA ILE A 290 -33.72 0.25 9.78
C ILE A 290 -34.09 1.11 8.57
N ASP A 291 -34.62 2.29 8.83
CA ASP A 291 -34.96 3.24 7.77
C ASP A 291 -33.97 4.40 7.68
N GLY A 292 -32.81 4.27 8.31
CA GLY A 292 -31.82 5.35 8.29
C GLY A 292 -30.87 5.24 7.10
N ALA A 293 -30.05 6.27 6.92
CA ALA A 293 -29.12 6.31 5.81
C ALA A 293 -27.99 5.27 5.85
N HIS A 294 -27.60 4.77 7.03
CA HIS A 294 -26.48 3.83 7.11
C HIS A 294 -26.85 2.48 6.56
N ILE A 295 -28.00 1.99 6.97
CA ILE A 295 -28.52 0.76 6.43
C ILE A 295 -28.81 0.93 4.93
N ALA A 296 -29.34 2.07 4.52
CA ALA A 296 -29.58 2.28 3.09
C ALA A 296 -28.26 2.31 2.30
N PHE A 297 -27.21 2.83 2.92
CA PHE A 297 -25.94 2.95 2.24
C PHE A 297 -25.39 1.54 2.06
N ALA A 298 -25.48 0.77 3.10
CA ALA A 298 -25.02 -0.61 3.06
C ALA A 298 -25.79 -1.44 2.04
N GLN A 299 -27.05 -1.10 1.78
CA GLN A 299 -27.85 -1.82 0.81
C GLN A 299 -27.30 -1.64 -0.58
N VAL A 300 -26.87 -0.42 -0.85
CA VAL A 300 -26.43 -0.02 -2.17
C VAL A 300 -25.02 -0.49 -2.56
N ILE A 301 -24.15 -0.79 -1.60
CA ILE A 301 -22.77 -1.12 -1.96
C ILE A 301 -22.60 -2.62 -2.09
N ALA A 302 -21.63 -3.05 -2.88
CA ALA A 302 -21.43 -4.50 -3.05
C ALA A 302 -20.53 -5.14 -1.99
N ASN A 303 -19.85 -4.35 -1.14
CA ASN A 303 -18.94 -4.95 -0.15
C ASN A 303 -19.71 -5.86 0.79
N PRO A 304 -19.06 -6.90 1.35
CA PRO A 304 -19.64 -7.53 2.53
C PRO A 304 -19.83 -6.53 3.65
N VAL A 305 -20.92 -6.69 4.42
CA VAL A 305 -21.19 -5.78 5.51
C VAL A 305 -21.57 -6.53 6.77
N GLY A 306 -21.40 -5.85 7.90
CA GLY A 306 -21.84 -6.38 9.17
C GLY A 306 -22.73 -5.37 9.91
N VAL A 307 -23.53 -5.89 10.83
CA VAL A 307 -24.40 -5.07 11.69
C VAL A 307 -24.22 -5.53 13.13
N LYS A 308 -23.91 -4.61 14.02
CA LYS A 308 -23.78 -4.94 15.44
C LYS A 308 -25.17 -5.13 16.06
N LEU A 309 -25.33 -6.16 16.87
CA LEU A 309 -26.60 -6.53 17.47
C LEU A 309 -26.42 -6.61 18.98
N GLY A 310 -26.99 -5.65 19.68
CA GLY A 310 -26.90 -5.60 21.12
C GLY A 310 -28.10 -6.22 21.80
N PRO A 311 -28.17 -6.05 23.13
CA PRO A 311 -29.19 -6.72 23.94
C PRO A 311 -30.64 -6.24 23.72
N ASN A 312 -30.87 -5.12 23.06
CA ASN A 312 -32.24 -4.71 22.74
C ASN A 312 -32.77 -5.30 21.47
N MET A 313 -31.94 -6.07 20.77
CA MET A 313 -32.35 -6.60 19.47
C MET A 313 -33.47 -7.60 19.63
N THR A 314 -34.39 -7.61 18.66
CA THR A 314 -35.43 -8.60 18.62
C THR A 314 -35.19 -9.52 17.44
N PRO A 315 -35.70 -10.74 17.50
CA PRO A 315 -35.61 -11.62 16.36
C PRO A 315 -36.19 -11.00 15.10
N GLU A 316 -37.26 -10.24 15.23
CA GLU A 316 -37.95 -9.74 14.06
C GLU A 316 -37.13 -8.64 13.38
N LEU A 317 -36.54 -7.76 14.18
CA LEU A 317 -35.71 -6.71 13.59
C LEU A 317 -34.49 -7.34 12.87
N ALA A 318 -33.90 -8.36 13.47
CA ALA A 318 -32.77 -9.06 12.88
C ALA A 318 -33.12 -9.57 11.49
N VAL A 319 -34.31 -10.14 11.37
CA VAL A 319 -34.82 -10.65 10.09
C VAL A 319 -34.93 -9.54 9.05
N GLU A 320 -35.32 -8.36 9.51
CA GLU A 320 -35.45 -7.22 8.62
C GLU A 320 -34.08 -6.78 8.07
N TYR A 321 -33.04 -6.87 8.89
CA TYR A 321 -31.68 -6.60 8.41
C TYR A 321 -31.31 -7.55 7.30
N VAL A 322 -31.60 -8.83 7.54
CA VAL A 322 -31.34 -9.88 6.59
C VAL A 322 -32.03 -9.58 5.26
N GLU A 323 -33.28 -9.15 5.34
CA GLU A 323 -34.03 -8.89 4.12
C GLU A 323 -33.58 -7.63 3.40
N ARG A 324 -33.22 -6.57 4.11
CA ARG A 324 -32.75 -5.36 3.45
C ARG A 324 -31.33 -5.55 2.88
N LEU A 325 -30.48 -6.23 3.65
CA LEU A 325 -29.04 -6.26 3.37
C LEU A 325 -28.56 -7.51 2.65
N ASP A 326 -29.34 -8.59 2.68
CA ASP A 326 -29.03 -9.78 1.87
C ASP A 326 -30.19 -10.12 0.92
N PRO A 327 -30.68 -9.14 0.16
CA PRO A 327 -31.88 -9.46 -0.62
C PRO A 327 -31.68 -10.61 -1.60
N HIS A 328 -30.47 -10.80 -2.10
CA HIS A 328 -30.23 -11.84 -3.09
C HIS A 328 -29.74 -13.16 -2.50
N ASN A 329 -29.80 -13.32 -1.20
CA ASN A 329 -29.37 -14.57 -0.61
C ASN A 329 -27.95 -14.99 -1.10
N LYS A 330 -26.97 -14.10 -0.89
CA LYS A 330 -25.55 -14.39 -1.10
C LYS A 330 -24.92 -14.72 0.24
N PRO A 331 -24.55 -15.98 0.45
CA PRO A 331 -23.99 -16.33 1.75
C PRO A 331 -22.73 -15.52 2.08
N GLY A 332 -22.62 -15.04 3.30
CA GLY A 332 -21.48 -14.24 3.73
C GLY A 332 -21.52 -12.76 3.40
N ARG A 333 -22.45 -12.35 2.55
CA ARG A 333 -22.63 -10.95 2.28
C ARG A 333 -22.98 -10.17 3.56
N LEU A 334 -23.74 -10.80 4.43
CA LEU A 334 -24.10 -10.22 5.72
C LEU A 334 -23.59 -10.99 6.91
N THR A 335 -22.97 -10.25 7.83
CA THR A 335 -22.53 -10.78 9.11
C THR A 335 -23.35 -10.09 10.21
N LEU A 336 -23.92 -10.87 11.13
CA LEU A 336 -24.59 -10.30 12.30
C LEU A 336 -23.65 -10.48 13.46
N VAL A 337 -23.30 -9.39 14.10
CA VAL A 337 -22.30 -9.40 15.12
C VAL A 337 -22.95 -9.24 16.48
N SER A 338 -22.97 -10.33 17.26
CA SER A 338 -23.56 -10.35 18.60
C SER A 338 -22.68 -9.71 19.68
N ARG A 339 -23.27 -8.78 20.42
CA ARG A 339 -22.61 -8.07 21.52
C ARG A 339 -23.62 -7.93 22.67
N MET A 340 -23.94 -9.03 23.34
CA MET A 340 -24.92 -9.03 24.42
C MET A 340 -24.45 -9.06 25.88
N GLY A 341 -23.16 -9.02 26.13
CA GLY A 341 -22.69 -9.18 27.52
C GLY A 341 -22.67 -10.65 27.90
N ASN A 342 -21.67 -11.08 28.67
CA ASN A 342 -21.53 -12.51 28.95
C ASN A 342 -22.67 -13.11 29.76
N HIS A 343 -23.25 -12.30 30.63
CA HIS A 343 -24.37 -12.72 31.46
C HIS A 343 -25.68 -12.80 30.68
N LYS A 344 -25.74 -12.25 29.48
CA LYS A 344 -26.97 -12.24 28.71
C LYS A 344 -26.96 -13.05 27.41
N VAL A 345 -25.77 -13.36 26.92
CA VAL A 345 -25.67 -13.93 25.57
C VAL A 345 -26.39 -15.25 25.48
N ARG A 346 -26.25 -16.09 26.49
CA ARG A 346 -26.85 -17.43 26.46
C ARG A 346 -28.38 -17.37 26.38
N ASP A 347 -28.97 -16.32 26.93
CA ASP A 347 -30.43 -16.12 26.90
C ASP A 347 -30.93 -15.37 25.67
N LEU A 348 -30.24 -14.29 25.32
CA LEU A 348 -30.76 -13.39 24.28
C LEU A 348 -30.47 -13.86 22.86
N LEU A 349 -29.36 -14.57 22.66
CA LEU A 349 -28.95 -14.91 21.28
C LEU A 349 -29.77 -16.01 20.57
N PRO A 350 -30.12 -17.11 21.28
CA PRO A 350 -30.81 -18.20 20.59
C PRO A 350 -32.07 -17.82 19.82
N PRO A 351 -32.96 -17.00 20.39
CA PRO A 351 -34.13 -16.72 19.55
C PRO A 351 -33.81 -15.91 18.29
N ILE A 352 -32.79 -15.06 18.36
CA ILE A 352 -32.39 -14.30 17.19
C ILE A 352 -31.89 -15.28 16.13
N VAL A 353 -31.00 -16.17 16.53
CA VAL A 353 -30.44 -17.13 15.59
C VAL A 353 -31.53 -17.99 14.92
N GLU A 354 -32.45 -18.55 15.72
CA GLU A 354 -33.47 -19.45 15.16
C GLU A 354 -34.30 -18.73 14.14
N LYS A 355 -34.72 -17.55 14.50
CA LYS A 355 -35.53 -16.77 13.62
C LYS A 355 -34.78 -16.45 12.33
N VAL A 356 -33.51 -16.05 12.43
CA VAL A 356 -32.75 -15.72 11.19
C VAL A 356 -32.50 -16.95 10.35
N GLN A 357 -32.15 -18.06 11.00
CA GLN A 357 -31.89 -19.29 10.27
C GLN A 357 -33.11 -19.74 9.46
N ALA A 358 -34.29 -19.47 9.99
CA ALA A 358 -35.52 -19.95 9.37
C ALA A 358 -35.79 -19.20 8.08
N THR A 359 -35.14 -18.06 7.89
CA THR A 359 -35.32 -17.29 6.66
C THR A 359 -34.80 -18.03 5.41
N GLY A 360 -33.93 -19.01 5.61
CA GLY A 360 -33.27 -19.61 4.47
C GLY A 360 -31.96 -18.90 4.07
N HIS A 361 -31.68 -17.69 4.59
CA HIS A 361 -30.42 -17.00 4.29
C HIS A 361 -29.23 -17.48 5.13
N GLN A 362 -28.02 -17.36 4.60
CA GLN A 362 -26.84 -17.76 5.38
C GLN A 362 -25.97 -16.57 5.74
N VAL A 363 -26.11 -16.15 6.98
CA VAL A 363 -25.33 -15.07 7.51
C VAL A 363 -24.16 -15.65 8.26
N ILE A 364 -23.18 -14.80 8.52
CA ILE A 364 -22.12 -15.19 9.41
C ILE A 364 -22.52 -14.72 10.77
N TRP A 365 -22.37 -15.59 11.76
CA TRP A 365 -22.61 -15.25 13.17
C TRP A 365 -21.27 -15.01 13.76
N GLN A 366 -21.06 -13.79 14.21
CA GLN A 366 -19.80 -13.39 14.74
C GLN A 366 -20.03 -12.83 16.14
N CYS A 367 -19.12 -13.16 17.04
CA CYS A 367 -19.19 -12.73 18.41
C CYS A 367 -18.26 -11.57 18.67
N ASP A 368 -18.84 -10.50 19.20
CA ASP A 368 -18.10 -9.31 19.62
C ASP A 368 -18.28 -9.46 21.12
N PRO A 369 -17.25 -9.93 21.82
CA PRO A 369 -17.37 -10.12 23.27
C PRO A 369 -16.90 -8.95 24.15
N MET A 370 -16.35 -7.89 23.57
CA MET A 370 -15.85 -6.77 24.36
C MET A 370 -16.76 -5.54 24.58
N HIS A 371 -17.62 -5.24 23.60
CA HIS A 371 -18.50 -4.07 23.69
C HIS A 371 -19.58 -4.08 24.78
N GLY A 372 -20.17 -5.24 25.02
CA GLY A 372 -21.22 -5.35 26.03
C GLY A 372 -20.73 -5.66 27.43
N ASN A 373 -19.41 -5.78 27.59
CA ASN A 373 -18.83 -6.11 28.88
C ASN A 373 -17.92 -5.02 29.42
N THR A 374 -18.26 -3.78 29.13
CA THR A 374 -17.45 -2.67 29.59
C THR A 374 -17.99 -2.14 30.94
N HIS A 375 -17.09 -1.75 31.84
CA HIS A 375 -17.48 -1.14 33.11
C HIS A 375 -16.41 -0.13 33.56
N GLU A 376 -16.72 0.57 34.65
CA GLU A 376 -15.91 1.66 35.17
C GLU A 376 -15.12 1.18 36.39
N SER A 377 -13.81 1.35 36.37
CA SER A 377 -12.99 0.94 37.52
C SER A 377 -13.08 1.98 38.64
N SER A 378 -12.88 1.55 39.89
CA SER A 378 -12.82 2.46 41.04
C SER A 378 -11.81 3.57 40.79
N THR A 379 -10.71 3.21 40.13
CA THR A 379 -9.65 4.16 39.79
C THR A 379 -10.05 5.13 38.68
N GLY A 380 -11.27 5.00 38.17
CA GLY A 380 -11.82 5.93 37.17
C GLY A 380 -11.53 5.64 35.69
N PHE A 381 -11.22 4.39 35.34
CA PHE A 381 -10.91 4.06 33.96
C PHE A 381 -12.01 3.16 33.39
N LYS A 382 -12.46 3.44 32.18
CA LYS A 382 -13.29 2.48 31.43
C LYS A 382 -12.44 1.22 31.19
N THR A 383 -12.95 0.06 31.59
CA THR A 383 -12.19 -1.18 31.50
C THR A 383 -13.14 -2.32 31.23
N ARG A 384 -12.56 -3.51 31.02
CA ARG A 384 -13.34 -4.72 30.74
C ARG A 384 -12.61 -5.85 31.45
N HIS A 385 -13.33 -6.79 32.04
N HIS A 385 -13.35 -6.79 32.01
CA HIS A 385 -12.62 -7.91 32.62
CA HIS A 385 -12.75 -7.97 32.63
C HIS A 385 -12.46 -9.03 31.60
C HIS A 385 -12.47 -9.02 31.57
N PHE A 386 -11.21 -9.44 31.45
CA PHE A 386 -10.82 -10.54 30.56
C PHE A 386 -11.74 -11.74 30.71
N ASP A 387 -11.97 -12.16 31.95
CA ASP A 387 -12.85 -13.29 32.22
C ASP A 387 -14.23 -13.14 31.64
N ARG A 388 -14.76 -11.93 31.60
CA ARG A 388 -16.10 -11.72 31.07
C ARG A 388 -16.10 -11.77 29.53
N ILE A 389 -15.01 -11.29 28.96
CA ILE A 389 -14.80 -11.37 27.51
C ILE A 389 -14.75 -12.85 27.06
N VAL A 390 -13.91 -13.64 27.71
CA VAL A 390 -13.84 -15.08 27.44
C VAL A 390 -15.21 -15.70 27.62
N ASP A 391 -15.86 -15.39 28.74
CA ASP A 391 -17.15 -15.99 29.01
C ASP A 391 -18.20 -15.69 27.96
N GLU A 392 -18.17 -14.51 27.35
CA GLU A 392 -19.16 -14.22 26.31
C GLU A 392 -18.92 -15.10 25.09
N VAL A 393 -17.65 -15.26 24.72
CA VAL A 393 -17.31 -16.17 23.61
C VAL A 393 -17.75 -17.61 23.93
N GLN A 394 -17.43 -18.08 25.13
CA GLN A 394 -17.91 -19.38 25.63
C GLN A 394 -19.41 -19.55 25.43
N GLY A 395 -20.19 -18.54 25.80
CA GLY A 395 -21.64 -18.64 25.74
C GLY A 395 -22.12 -18.63 24.31
N PHE A 396 -21.47 -17.79 23.51
CA PHE A 396 -21.72 -17.74 22.07
C PHE A 396 -21.55 -19.14 21.46
N PHE A 397 -20.45 -19.82 21.79
CA PHE A 397 -20.22 -21.16 21.27
C PHE A 397 -21.34 -22.11 21.75
N GLU A 398 -21.69 -22.04 23.03
CA GLU A 398 -22.78 -22.89 23.57
C GLU A 398 -24.08 -22.70 22.81
N VAL A 399 -24.42 -21.44 22.55
CA VAL A 399 -25.64 -21.14 21.80
C VAL A 399 -25.60 -21.89 20.47
N HIS A 400 -24.51 -21.75 19.73
CA HIS A 400 -24.43 -22.34 18.40
C HIS A 400 -24.38 -23.86 18.42
N ARG A 401 -23.61 -24.41 19.36
N ARG A 401 -23.59 -24.39 19.37
CA ARG A 401 -23.58 -25.85 19.50
CA ARG A 401 -23.54 -25.81 19.60
C ARG A 401 -25.00 -26.36 19.68
C ARG A 401 -24.98 -26.35 19.71
N ALA A 402 -25.73 -25.79 20.65
CA ALA A 402 -27.08 -26.23 20.94
C ALA A 402 -27.96 -26.14 19.72
N LEU A 403 -27.78 -25.13 18.88
CA LEU A 403 -28.66 -25.02 17.73
C LEU A 403 -28.19 -25.78 16.51
N GLY A 404 -26.97 -26.32 16.53
CA GLY A 404 -26.38 -26.85 15.30
C GLY A 404 -26.02 -25.80 14.25
N THR A 405 -25.78 -24.58 14.68
CA THR A 405 -25.38 -23.54 13.72
C THR A 405 -23.89 -23.27 13.84
N HIS A 406 -23.34 -22.51 12.90
CA HIS A 406 -21.90 -22.27 12.89
C HIS A 406 -21.52 -21.03 13.69
N PRO A 407 -20.77 -21.22 14.80
CA PRO A 407 -20.14 -20.06 15.41
C PRO A 407 -19.03 -19.55 14.49
N GLY A 408 -19.29 -18.45 13.80
CA GLY A 408 -18.56 -18.09 12.61
C GLY A 408 -17.28 -17.31 12.78
N GLY A 409 -17.16 -16.58 13.87
CA GLY A 409 -15.98 -15.76 14.08
C GLY A 409 -16.05 -14.93 15.32
N ILE A 410 -15.00 -14.16 15.54
CA ILE A 410 -14.98 -13.17 16.61
C ILE A 410 -14.58 -11.79 16.10
N HIS A 411 -14.93 -10.78 16.88
CA HIS A 411 -14.62 -9.39 16.56
C HIS A 411 -14.10 -8.77 17.84
N VAL A 412 -12.81 -8.49 17.91
CA VAL A 412 -12.23 -8.02 19.16
C VAL A 412 -11.40 -6.76 18.99
N GLU A 413 -11.17 -6.08 20.10
CA GLU A 413 -10.37 -4.87 20.10
C GLU A 413 -9.07 -5.23 20.80
N ILE A 414 -7.98 -5.06 20.07
CA ILE A 414 -6.70 -5.58 20.49
C ILE A 414 -5.63 -4.63 19.99
N THR A 415 -4.45 -4.77 20.55
CA THR A 415 -3.28 -4.08 20.06
C THR A 415 -2.06 -4.94 20.34
N GLY A 416 -1.02 -4.74 19.55
CA GLY A 416 0.22 -5.40 19.78
C GLY A 416 1.03 -4.70 20.84
N GLU A 417 0.56 -3.59 21.39
CA GLU A 417 1.29 -2.90 22.47
C GLU A 417 1.06 -3.60 23.80
N ASN A 418 1.99 -3.41 24.74
CA ASN A 418 1.79 -3.93 26.10
C ASN A 418 1.05 -2.92 27.00
N VAL A 419 -0.19 -2.62 26.65
CA VAL A 419 -0.99 -1.64 27.38
C VAL A 419 -1.62 -2.27 28.60
N THR A 420 -2.25 -1.44 29.42
CA THR A 420 -2.91 -1.90 30.63
C THR A 420 -4.31 -1.31 30.60
N GLU A 421 -5.18 -1.93 29.79
CA GLU A 421 -6.51 -1.38 29.57
C GLU A 421 -7.64 -2.29 30.01
N CYS A 422 -7.48 -3.60 29.82
CA CYS A 422 -8.44 -4.58 30.29
C CYS A 422 -7.88 -5.27 31.53
N LEU A 423 -8.74 -5.51 32.50
CA LEU A 423 -8.33 -6.21 33.72
C LEU A 423 -8.21 -7.71 33.44
N GLY A 424 -7.32 -8.36 34.17
CA GLY A 424 -7.24 -9.79 34.18
C GLY A 424 -6.21 -10.30 33.18
N GLY A 425 -6.49 -11.50 32.67
CA GLY A 425 -5.52 -12.20 31.85
C GLY A 425 -4.51 -12.81 32.79
N ALA A 426 -3.57 -13.54 32.23
CA ALA A 426 -2.50 -14.19 32.99
C ALA A 426 -1.59 -13.20 33.69
N GLN A 427 -1.47 -12.00 33.13
CA GLN A 427 -0.70 -10.94 33.79
C GLN A 427 -1.46 -10.41 35.02
N ASP A 428 -2.71 -10.80 35.18
CA ASP A 428 -3.52 -10.34 36.31
C ASP A 428 -3.44 -8.82 36.46
N ILE A 429 -3.78 -8.13 35.40
CA ILE A 429 -3.81 -6.68 35.45
C ILE A 429 -4.90 -6.24 36.40
N SER A 430 -4.50 -5.40 37.36
CA SER A 430 -5.38 -4.87 38.40
C SER A 430 -5.81 -3.44 38.11
N GLU A 431 -6.82 -2.98 38.85
CA GLU A 431 -7.32 -1.61 38.76
C GLU A 431 -6.22 -0.56 38.92
N THR A 432 -5.27 -0.89 39.78
CA THR A 432 -4.10 -0.06 40.01
C THR A 432 -3.21 -0.04 38.79
N ASP A 433 -3.00 -1.20 38.17
CA ASP A 433 -2.12 -1.30 37.00
C ASP A 433 -2.63 -0.45 35.84
N LEU A 434 -3.94 -0.25 35.75
CA LEU A 434 -4.53 0.46 34.61
C LEU A 434 -3.84 1.77 34.31
N ALA A 435 -3.40 2.45 35.35
CA ALA A 435 -2.79 3.75 35.20
C ALA A 435 -1.43 3.72 34.50
N GLY A 436 -0.78 2.56 34.45
CA GLY A 436 0.55 2.48 33.83
C GLY A 436 0.60 2.85 32.36
N ARG A 437 -0.21 2.17 31.54
CA ARG A 437 -0.23 2.40 30.09
C ARG A 437 -1.65 2.31 29.53
N TYR A 438 -2.50 3.25 29.93
CA TYR A 438 -3.86 3.32 29.42
C TYR A 438 -3.85 4.27 28.22
N GLU A 439 -3.65 3.73 27.03
CA GLU A 439 -3.34 4.56 25.88
C GLU A 439 -4.46 4.71 24.86
N THR A 440 -5.49 3.90 24.98
CA THR A 440 -6.57 3.91 24.00
C THR A 440 -7.25 5.29 23.88
N ALA A 441 -7.65 5.66 22.67
CA ALA A 441 -8.37 6.91 22.48
C ALA A 441 -9.86 6.66 22.58
N CYS A 442 -10.26 5.43 22.84
CA CYS A 442 -11.65 5.14 23.08
C CYS A 442 -11.80 3.95 24.03
N ASP A 443 -12.28 2.79 23.55
CA ASP A 443 -12.47 1.65 24.47
C ASP A 443 -11.16 0.94 24.87
N PRO A 444 -11.20 0.24 26.01
CA PRO A 444 -10.05 -0.55 26.43
C PRO A 444 -9.79 -1.77 25.55
N ARG A 445 -8.54 -1.92 25.13
CA ARG A 445 -8.14 -3.03 24.25
C ARG A 445 -7.49 -4.16 25.00
N LEU A 446 -7.69 -5.39 24.53
CA LEU A 446 -6.82 -6.47 24.95
C LEU A 446 -5.41 -6.12 24.52
N ASN A 447 -4.43 -6.27 25.40
CA ASN A 447 -3.06 -6.05 25.02
C ASN A 447 -2.55 -7.28 24.28
N THR A 448 -1.30 -7.24 23.86
CA THR A 448 -0.83 -8.26 22.96
C THR A 448 -0.87 -9.66 23.60
N GLN A 449 -0.51 -9.72 24.87
CA GLN A 449 -0.54 -10.97 25.58
C GLN A 449 -1.94 -11.46 25.83
N GLN A 450 -2.83 -10.55 26.15
CA GLN A 450 -4.20 -10.92 26.42
C GLN A 450 -4.89 -11.38 25.15
N SER A 451 -4.62 -10.68 24.04
CA SER A 451 -5.21 -11.08 22.77
C SER A 451 -4.75 -12.51 22.39
N LEU A 452 -3.48 -12.82 22.61
CA LEU A 452 -3.00 -14.16 22.27
C LEU A 452 -3.59 -15.24 23.17
N GLU A 453 -3.65 -14.93 24.46
CA GLU A 453 -4.26 -15.81 25.43
C GLU A 453 -5.70 -16.10 25.05
N LEU A 454 -6.43 -15.08 24.64
CA LEU A 454 -7.79 -15.31 24.25
C LEU A 454 -7.84 -16.28 23.09
N ALA A 455 -6.91 -16.14 22.14
CA ALA A 455 -6.88 -17.04 20.98
C ALA A 455 -6.71 -18.49 21.42
N PHE A 456 -5.84 -18.74 22.39
CA PHE A 456 -5.67 -20.08 22.92
C PHE A 456 -6.98 -20.60 23.55
N LEU A 457 -7.66 -19.74 24.30
CA LEU A 457 -8.88 -20.18 24.96
C LEU A 457 -9.97 -20.45 23.96
N VAL A 458 -10.04 -19.62 22.92
CA VAL A 458 -11.05 -19.83 21.88
C VAL A 458 -10.72 -21.05 21.01
N ALA A 459 -9.41 -21.31 20.77
CA ALA A 459 -9.01 -22.54 20.11
C ALA A 459 -9.54 -23.78 20.86
N GLU A 460 -9.47 -23.76 22.20
CA GLU A 460 -9.99 -24.88 22.99
C GLU A 460 -11.51 -25.00 22.90
N MET A 461 -12.21 -23.88 22.77
CA MET A 461 -13.64 -23.95 22.52
C MET A 461 -13.92 -24.56 21.15
N LEU A 462 -13.09 -24.23 20.17
CA LEU A 462 -13.27 -24.80 18.84
C LEU A 462 -12.97 -26.29 18.82
N ARG A 463 -11.99 -26.73 19.59
CA ARG A 463 -11.61 -28.14 19.68
C ARG A 463 -12.60 -28.98 20.47
N ASP A 464 -13.31 -28.37 21.42
CA ASP A 464 -14.30 -29.07 22.22
C ASP A 464 -15.55 -29.38 21.41
N GLY B 1 -7.10 24.32 7.72
CA GLY B 1 -8.44 23.65 7.61
C GLY B 1 -9.05 23.78 6.24
N ALA B 2 -10.29 23.31 6.11
CA ALA B 2 -10.99 23.27 4.82
C ALA B 2 -11.08 24.65 4.16
N MET B 3 -11.37 25.67 4.97
CA MET B 3 -11.53 27.06 4.50
C MET B 3 -10.33 27.49 3.69
N ASN B 4 -9.14 27.18 4.21
CA ASN B 4 -7.86 27.51 3.57
C ASN B 4 -7.34 26.44 2.60
N TRP B 5 -8.12 25.38 2.38
CA TRP B 5 -7.71 24.25 1.53
C TRP B 5 -6.35 23.73 2.01
N THR B 6 -6.26 23.45 3.30
CA THR B 6 -5.07 22.91 3.89
C THR B 6 -5.44 21.86 4.93
N VAL B 7 -4.49 20.96 5.18
CA VAL B 7 -4.59 20.02 6.27
C VAL B 7 -3.58 20.43 7.33
N ASP B 8 -4.01 20.54 8.57
CA ASP B 8 -3.09 20.97 9.62
C ASP B 8 -2.50 19.73 10.30
N ILE B 9 -1.18 19.72 10.47
CA ILE B 9 -0.46 18.55 10.95
C ILE B 9 0.45 18.91 12.10
N PRO B 10 0.27 18.24 13.26
CA PRO B 10 1.18 18.50 14.37
C PRO B 10 2.61 18.11 14.00
N ILE B 11 3.58 18.71 14.68
CA ILE B 11 4.97 18.34 14.50
C ILE B 11 5.43 17.66 15.80
N ASP B 12 5.49 18.43 16.87
CA ASP B 12 5.90 17.92 18.18
C ASP B 12 4.94 16.83 18.70
N GLN B 13 5.38 16.10 19.72
CA GLN B 13 4.60 14.99 20.28
C GLN B 13 4.61 13.80 19.34
N SER B 16 10.82 9.36 20.83
CA SER B 16 10.28 9.94 19.60
C SER B 16 11.03 9.49 18.35
N LEU B 17 12.35 9.29 18.44
CA LEU B 17 13.11 8.67 17.35
C LEU B 17 14.37 7.97 17.85
N PRO B 18 14.54 6.67 17.55
CA PRO B 18 15.70 5.97 18.12
C PRO B 18 17.02 6.50 17.54
N PRO B 19 18.08 6.56 18.37
CA PRO B 19 19.34 7.08 17.83
C PRO B 19 19.99 6.06 16.93
N LEU B 20 20.50 6.51 15.80
CA LEU B 20 21.33 5.64 14.96
C LEU B 20 22.53 5.06 15.71
N PRO B 21 23.00 3.87 15.31
CA PRO B 21 24.32 3.45 15.74
C PRO B 21 25.34 4.55 15.39
N THR B 22 26.29 4.73 16.27
CA THR B 22 27.18 5.87 16.20
C THR B 22 27.84 6.00 14.84
N ASP B 23 28.28 4.88 14.27
CA ASP B 23 28.96 4.90 12.99
C ASP B 23 28.09 5.33 11.80
N LEU B 24 26.81 4.92 11.81
CA LEU B 24 25.91 5.31 10.72
C LEU B 24 25.62 6.80 10.81
N ARG B 25 25.49 7.30 12.02
CA ARG B 25 25.24 8.73 12.26
C ARG B 25 26.40 9.51 11.69
N THR B 26 27.61 9.04 11.99
CA THR B 26 28.81 9.74 11.53
C THR B 26 28.90 9.71 10.02
N ARG B 27 28.67 8.55 9.45
CA ARG B 27 28.74 8.42 8.02
C ARG B 27 27.64 9.19 7.31
N LEU B 28 26.46 9.25 7.91
CA LEU B 28 25.34 9.95 7.24
C LEU B 28 25.61 11.44 7.27
N ASP B 29 26.03 11.93 8.44
CA ASP B 29 26.40 13.34 8.61
C ASP B 29 27.52 13.71 7.63
N ALA B 30 28.54 12.88 7.50
CA ALA B 30 29.65 13.22 6.59
C ALA B 30 29.17 13.31 5.18
N ALA B 31 28.26 12.41 4.80
CA ALA B 31 27.73 12.42 3.45
C ALA B 31 26.90 13.68 3.16
N LEU B 32 26.01 14.05 4.08
CA LEU B 32 25.16 15.20 3.84
C LEU B 32 25.89 16.52 3.99
N ALA B 33 27.08 16.53 4.59
CA ALA B 33 27.90 17.76 4.70
C ALA B 33 28.60 18.07 3.39
N LYS B 34 28.70 17.10 2.49
CA LYS B 34 29.31 17.37 1.22
C LYS B 34 28.43 18.26 0.37
N PRO B 35 29.00 18.95 -0.62
CA PRO B 35 28.23 19.80 -1.52
C PRO B 35 27.19 18.99 -2.27
N ALA B 36 26.04 19.60 -2.48
CA ALA B 36 24.90 18.97 -3.11
C ALA B 36 24.34 19.88 -4.18
N ALA B 37 24.37 19.44 -5.42
CA ALA B 37 23.78 20.20 -6.51
C ALA B 37 22.26 20.03 -6.52
N GLN B 38 21.61 20.99 -7.16
CA GLN B 38 20.23 20.93 -7.56
C GLN B 38 19.23 20.83 -6.41
N GLN B 39 19.60 21.34 -5.25
CA GLN B 39 18.74 21.31 -4.13
C GLN B 39 17.79 22.50 -4.15
N PRO B 40 16.57 22.31 -3.66
CA PRO B 40 15.66 23.45 -3.49
C PRO B 40 16.21 24.47 -2.51
N THR B 41 15.73 25.71 -2.58
CA THR B 41 16.26 26.81 -1.80
C THR B 41 15.31 27.34 -0.71
N TRP B 42 14.59 26.45 -0.07
CA TRP B 42 13.68 26.82 0.99
C TRP B 42 14.34 26.93 2.33
N PRO B 43 13.67 27.56 3.31
CA PRO B 43 14.31 27.78 4.60
C PRO B 43 14.58 26.50 5.37
N ALA B 44 15.73 26.48 6.04
CA ALA B 44 16.21 25.30 6.74
C ALA B 44 15.28 24.89 7.86
N ASP B 45 14.72 25.85 8.57
CA ASP B 45 13.84 25.53 9.69
C ASP B 45 12.54 24.89 9.22
N GLN B 46 12.02 25.37 8.09
CA GLN B 46 10.78 24.80 7.53
C GLN B 46 11.06 23.38 6.97
N ALA B 47 12.18 23.22 6.28
CA ALA B 47 12.62 21.90 5.83
C ALA B 47 12.69 20.94 7.01
N LEU B 48 13.22 21.39 8.13
CA LEU B 48 13.39 20.54 9.27
C LEU B 48 12.05 20.07 9.82
N ALA B 49 11.10 20.98 9.90
CA ALA B 49 9.79 20.61 10.40
C ALA B 49 9.18 19.55 9.49
N MET B 50 9.26 19.71 8.18
CA MET B 50 8.72 18.71 7.27
C MET B 50 9.44 17.34 7.40
N ARG B 51 10.78 17.35 7.49
CA ARG B 51 11.53 16.12 7.72
C ARG B 51 11.08 15.42 8.99
N THR B 52 10.82 16.20 10.03
CA THR B 52 10.36 15.65 11.26
C THR B 52 9.04 14.91 11.10
N VAL B 53 8.16 15.44 10.27
CA VAL B 53 6.92 14.73 9.95
C VAL B 53 7.21 13.43 9.17
N LEU B 54 8.04 13.50 8.15
CA LEU B 54 8.32 12.32 7.34
C LEU B 54 9.07 11.22 8.09
N GLU B 55 9.85 11.58 9.11
CA GLU B 55 10.58 10.62 9.90
C GLU B 55 9.69 9.67 10.67
N SER B 56 8.43 10.02 10.89
CA SER B 56 7.54 9.10 11.61
C SER B 56 6.39 8.52 10.76
N VAL B 57 6.32 8.83 9.48
CA VAL B 57 5.29 8.20 8.65
C VAL B 57 5.62 6.71 8.33
N PRO B 58 4.58 5.89 8.04
CA PRO B 58 4.76 4.55 7.43
C PRO B 58 5.54 4.64 6.11
N PRO B 59 6.56 3.81 5.97
CA PRO B 59 7.42 3.96 4.81
C PRO B 59 6.72 3.47 3.53
N VAL B 60 7.18 3.91 2.40
CA VAL B 60 6.64 3.45 1.12
C VAL B 60 6.98 1.99 0.81
N THR B 61 8.19 1.58 1.19
CA THR B 61 8.70 0.22 1.02
C THR B 61 9.26 -0.27 2.34
N VAL B 62 9.56 -1.57 2.40
CA VAL B 62 10.15 -2.17 3.58
C VAL B 62 11.43 -2.90 3.22
N PRO B 63 12.35 -3.00 4.18
CA PRO B 63 13.69 -3.58 3.89
C PRO B 63 13.68 -4.96 3.25
N SER B 64 12.78 -5.85 3.64
CA SER B 64 12.87 -7.20 3.08
C SER B 64 12.57 -7.23 1.58
N GLU B 65 11.79 -6.27 1.12
CA GLU B 65 11.49 -6.16 -0.29
C GLU B 65 12.71 -5.70 -1.07
N ILE B 66 13.50 -4.86 -0.44
CA ILE B 66 14.68 -4.29 -1.05
C ILE B 66 15.79 -5.35 -1.13
N VAL B 67 15.90 -6.17 -0.09
CA VAL B 67 16.78 -7.35 -0.09
C VAL B 67 16.37 -8.31 -1.22
N ARG B 68 15.07 -8.61 -1.35
N ARG B 68 15.08 -8.59 -1.34
CA ARG B 68 14.60 -9.45 -2.44
CA ARG B 68 14.58 -9.45 -2.41
C ARG B 68 14.95 -8.83 -3.78
C ARG B 68 14.89 -8.84 -3.77
N LEU B 69 14.69 -7.53 -3.93
CA LEU B 69 15.05 -6.86 -5.17
C LEU B 69 16.55 -6.97 -5.47
N GLN B 70 17.38 -6.79 -4.48
CA GLN B 70 18.81 -6.92 -4.67
C GLN B 70 19.18 -8.34 -5.18
N GLU B 71 18.52 -9.36 -4.65
CA GLU B 71 18.77 -10.75 -5.11
C GLU B 71 18.37 -10.93 -6.55
N GLN B 72 17.25 -10.33 -6.93
CA GLN B 72 16.80 -10.44 -8.31
C GLN B 72 17.67 -9.66 -9.26
N LEU B 73 18.20 -8.50 -8.82
CA LEU B 73 19.13 -7.72 -9.63
C LEU B 73 20.49 -8.41 -9.75
N ALA B 74 20.90 -9.15 -8.72
CA ALA B 74 22.12 -9.94 -8.81
C ALA B 74 22.02 -10.92 -10.01
N GLN B 75 20.85 -11.50 -10.21
CA GLN B 75 20.63 -12.37 -11.38
C GLN B 75 20.76 -11.64 -12.69
N VAL B 76 20.24 -10.43 -12.75
CA VAL B 76 20.42 -9.59 -13.91
C VAL B 76 21.92 -9.37 -14.17
N ALA B 77 22.66 -9.03 -13.13
CA ALA B 77 24.04 -8.66 -13.32
C ALA B 77 24.80 -9.85 -13.85
N LYS B 78 24.41 -11.07 -13.43
CA LYS B 78 25.10 -12.30 -13.83
C LYS B 78 24.69 -12.81 -15.19
N GLY B 79 23.80 -12.11 -15.87
CA GLY B 79 23.38 -12.47 -17.20
C GLY B 79 22.22 -13.45 -17.24
N GLU B 80 21.49 -13.58 -16.13
CA GLU B 80 20.41 -14.55 -16.02
C GLU B 80 19.02 -13.90 -15.88
N ALA B 81 18.97 -12.58 -16.00
CA ALA B 81 17.70 -11.88 -16.00
C ALA B 81 17.90 -10.56 -16.72
N PHE B 82 16.80 -9.86 -16.96
CA PHE B 82 16.76 -8.59 -17.69
C PHE B 82 15.95 -7.57 -16.88
N LEU B 83 16.39 -6.31 -16.91
CA LEU B 83 15.81 -5.27 -16.10
C LEU B 83 15.02 -4.32 -16.97
N LEU B 84 13.73 -4.18 -16.66
CA LEU B 84 12.91 -3.23 -17.36
C LEU B 84 12.46 -2.15 -16.38
N GLN B 85 12.78 -0.91 -16.71
CA GLN B 85 12.46 0.19 -15.80
C GLN B 85 11.76 1.25 -16.59
N GLY B 86 10.62 1.71 -16.11
CA GLY B 86 9.85 2.62 -16.93
C GLY B 86 8.70 3.31 -16.22
N GLY B 87 8.32 4.48 -16.71
CA GLY B 87 7.17 5.24 -16.22
C GLY B 87 7.31 6.71 -16.63
N ASP B 88 6.54 7.58 -15.98
CA ASP B 88 6.54 9.01 -16.28
C ASP B 88 7.92 9.61 -16.12
N CYS B 89 8.21 10.62 -16.94
CA CYS B 89 9.41 11.42 -16.70
C CYS B 89 9.22 12.11 -15.34
N ALA B 90 8.07 12.74 -15.17
CA ALA B 90 7.76 13.40 -13.91
C ALA B 90 6.32 13.07 -13.52
N GLU B 91 6.14 12.43 -12.37
CA GLU B 91 4.80 12.23 -11.85
C GLU B 91 4.30 13.59 -11.38
N THR B 92 3.00 13.81 -11.41
CA THR B 92 2.43 15.06 -10.90
C THR B 92 1.38 14.72 -9.90
N PHE B 93 1.18 15.58 -8.91
CA PHE B 93 0.12 15.33 -7.94
C PHE B 93 -1.22 15.31 -8.65
N MET B 94 -1.40 16.17 -9.64
CA MET B 94 -2.69 16.27 -10.30
C MET B 94 -3.08 15.00 -11.08
N ASP B 95 -2.11 14.34 -11.70
CA ASP B 95 -2.40 13.12 -12.43
C ASP B 95 -2.17 11.83 -11.62
N ASN B 96 -2.08 11.94 -10.30
CA ASN B 96 -1.81 10.77 -9.46
C ASN B 96 -3.15 10.14 -9.14
N THR B 97 -3.78 9.60 -10.19
CA THR B 97 -5.13 9.06 -10.11
C THR B 97 -5.12 7.57 -10.46
N GLU B 98 -6.21 6.90 -10.10
CA GLU B 98 -6.37 5.50 -10.41
C GLU B 98 -6.19 5.17 -11.89
N PRO B 99 -6.88 5.91 -12.78
CA PRO B 99 -6.72 5.58 -14.20
C PRO B 99 -5.30 5.78 -14.71
N HIS B 100 -4.64 6.83 -14.26
CA HIS B 100 -3.32 7.09 -14.75
C HIS B 100 -2.28 6.06 -14.21
N ILE B 101 -2.37 5.75 -12.93
CA ILE B 101 -1.51 4.76 -12.32
C ILE B 101 -1.75 3.37 -12.92
N ARG B 102 -3.01 2.97 -13.04
CA ARG B 102 -3.34 1.69 -13.64
C ARG B 102 -2.82 1.63 -15.06
N GLY B 103 -3.00 2.72 -15.79
CA GLY B 103 -2.52 2.79 -17.15
C GLY B 103 -1.01 2.63 -17.27
N ASN B 104 -0.26 3.30 -16.42
CA ASN B 104 1.21 3.16 -16.46
C ASN B 104 1.68 1.79 -16.04
N VAL B 105 1.04 1.21 -15.04
CA VAL B 105 1.35 -0.15 -14.62
C VAL B 105 1.04 -1.13 -15.74
N ARG B 106 -0.11 -0.98 -16.37
CA ARG B 106 -0.44 -1.80 -17.51
C ARG B 106 0.61 -1.68 -18.61
N ALA B 107 1.05 -0.47 -18.92
CA ALA B 107 1.95 -0.30 -20.02
C ALA B 107 3.29 -0.99 -19.77
N LEU B 108 3.76 -0.91 -18.53
CA LEU B 108 4.97 -1.57 -18.12
C LEU B 108 4.80 -3.12 -18.20
N LEU B 109 3.70 -3.65 -17.67
CA LEU B 109 3.39 -5.11 -17.74
C LEU B 109 3.32 -5.63 -19.18
N GLN B 110 2.66 -4.88 -20.06
CA GLN B 110 2.63 -5.25 -21.49
C GLN B 110 4.03 -5.39 -22.09
N MET B 111 4.87 -4.40 -21.86
CA MET B 111 6.25 -4.50 -22.33
C MET B 111 6.95 -5.69 -21.73
N ALA B 112 6.73 -5.91 -20.44
CA ALA B 112 7.41 -6.99 -19.73
C ALA B 112 7.09 -8.40 -20.27
N VAL B 113 5.85 -8.64 -20.68
CA VAL B 113 5.46 -9.91 -21.31
C VAL B 113 6.34 -10.17 -22.52
N VAL B 114 6.39 -9.18 -23.39
CA VAL B 114 7.11 -9.26 -24.64
C VAL B 114 8.57 -9.45 -24.37
N LEU B 115 9.10 -8.74 -23.37
CA LEU B 115 10.55 -8.81 -23.09
C LEU B 115 10.91 -10.09 -22.36
N THR B 116 10.03 -10.58 -21.50
CA THR B 116 10.26 -11.88 -20.85
C THR B 116 10.39 -13.00 -21.93
N TYR B 117 9.46 -13.01 -22.87
CA TYR B 117 9.49 -13.95 -23.97
C TYR B 117 10.74 -13.82 -24.84
N GLY B 118 11.08 -12.59 -25.22
CA GLY B 118 12.19 -12.35 -26.10
C GLY B 118 13.53 -12.61 -25.47
N ALA B 119 13.67 -12.26 -24.20
CA ALA B 119 14.90 -12.55 -23.46
C ALA B 119 15.05 -13.98 -23.02
N SER B 120 13.95 -14.73 -22.97
CA SER B 120 13.95 -16.10 -22.44
C SER B 120 14.52 -16.15 -21.04
N MET B 121 14.20 -15.13 -20.25
CA MET B 121 14.60 -15.10 -18.86
C MET B 121 13.72 -14.12 -18.09
N PRO B 122 13.78 -14.16 -16.75
CA PRO B 122 12.91 -13.31 -15.99
C PRO B 122 13.20 -11.85 -16.23
N VAL B 123 12.16 -11.03 -16.15
CA VAL B 123 12.31 -9.59 -16.22
C VAL B 123 12.03 -8.98 -14.87
N VAL B 124 12.98 -8.21 -14.34
CA VAL B 124 12.75 -7.42 -13.13
C VAL B 124 12.05 -6.13 -13.53
N LYS B 125 10.87 -5.88 -12.97
CA LYS B 125 10.01 -4.80 -13.43
C LYS B 125 10.01 -3.69 -12.39
N VAL B 126 10.53 -2.53 -12.76
CA VAL B 126 10.71 -1.41 -11.85
C VAL B 126 10.01 -0.23 -12.49
N ALA B 127 9.04 0.32 -11.79
CA ALA B 127 8.33 1.49 -12.30
C ALA B 127 9.03 2.77 -11.80
N ARG B 128 9.03 3.80 -12.63
CA ARG B 128 9.29 5.18 -12.17
C ARG B 128 7.97 5.65 -11.61
N ILE B 129 7.79 5.52 -10.32
CA ILE B 129 6.51 5.80 -9.75
C ILE B 129 6.65 5.93 -8.26
N ALA B 130 5.61 6.49 -7.65
CA ALA B 130 5.54 6.65 -6.19
C ALA B 130 6.73 7.41 -5.64
N GLY B 131 7.09 8.49 -6.31
CA GLY B 131 8.11 9.39 -5.79
C GLY B 131 8.94 10.13 -6.81
N GLN B 132 8.64 9.98 -8.08
CA GLN B 132 9.41 10.63 -9.13
C GLN B 132 8.88 12.05 -9.32
N TYR B 133 9.13 12.88 -8.32
CA TYR B 133 8.45 14.15 -8.19
C TYR B 133 9.45 15.29 -8.18
N ALA B 134 10.70 15.02 -8.52
CA ALA B 134 11.72 16.05 -8.46
C ALA B 134 12.61 15.95 -9.65
N LYS B 135 12.93 17.09 -10.22
CA LYS B 135 13.88 17.08 -11.32
C LYS B 135 14.92 18.17 -11.21
N PRO B 136 16.09 17.94 -11.82
CA PRO B 136 17.14 18.92 -11.89
C PRO B 136 16.90 19.83 -13.10
N ARG B 137 17.50 21.00 -13.06
CA ARG B 137 17.44 21.90 -14.21
C ARG B 137 18.83 22.45 -14.48
N SER B 138 19.17 22.64 -15.74
N SER B 138 19.13 22.61 -15.76
CA SER B 138 20.43 23.31 -16.06
CA SER B 138 20.34 23.30 -16.22
C SER B 138 20.33 24.83 -15.85
C SER B 138 20.29 24.77 -15.81
N ALA B 139 19.15 25.41 -16.04
CA ALA B 139 18.97 26.85 -15.76
C ALA B 139 17.94 27.12 -14.66
N ASP B 140 18.18 28.09 -13.80
CA ASP B 140 17.20 28.39 -12.77
C ASP B 140 16.06 29.29 -13.26
N ILE B 141 16.27 29.94 -14.41
CA ILE B 141 15.23 30.74 -15.06
C ILE B 141 14.90 30.07 -16.39
N ASP B 142 13.63 29.81 -16.63
CA ASP B 142 13.20 29.12 -17.84
C ASP B 142 12.90 30.12 -18.96
N ALA B 143 12.35 29.62 -20.05
CA ALA B 143 12.21 30.39 -21.27
C ALA B 143 11.15 31.47 -21.17
N LEU B 144 10.28 31.38 -20.18
CA LEU B 144 9.30 32.44 -19.94
C LEU B 144 9.76 33.47 -18.92
N GLY B 145 11.00 33.39 -18.47
CA GLY B 145 11.49 34.25 -17.38
C GLY B 145 11.13 33.87 -15.96
N LEU B 146 10.43 32.73 -15.79
CA LEU B 146 10.01 32.25 -14.46
C LEU B 146 11.09 31.39 -13.82
N ARG B 147 11.12 31.34 -12.50
CA ARG B 147 11.92 30.31 -11.83
C ARG B 147 11.48 28.94 -12.38
N SER B 148 12.45 28.12 -12.75
CA SER B 148 12.18 26.83 -13.39
C SER B 148 11.34 25.92 -12.54
N TYR B 149 10.42 25.21 -13.18
CA TYR B 149 9.71 24.11 -12.49
C TYR B 149 10.70 23.00 -12.19
N ARG B 150 10.68 22.47 -10.97
CA ARG B 150 11.64 21.43 -10.57
C ARG B 150 10.93 20.16 -10.13
N GLY B 151 9.68 20.02 -10.53
CA GLY B 151 8.82 18.89 -10.09
C GLY B 151 8.00 19.27 -8.86
N ASP B 152 6.92 18.54 -8.64
CA ASP B 152 5.93 18.86 -7.63
C ASP B 152 6.36 18.73 -6.21
N MET B 153 7.48 18.04 -5.96
CA MET B 153 8.01 17.97 -4.60
C MET B 153 8.67 19.31 -4.22
N ILE B 154 8.95 20.13 -5.21
CA ILE B 154 9.61 21.41 -5.02
C ILE B 154 8.72 22.62 -5.31
N ASN B 155 8.15 22.67 -6.50
CA ASN B 155 7.26 23.75 -6.88
C ASN B 155 6.19 23.34 -7.88
N GLY B 156 5.46 24.33 -8.39
CA GLY B 156 4.25 24.09 -9.17
C GLY B 156 4.54 24.27 -10.63
N PHE B 157 3.92 23.44 -11.46
CA PHE B 157 4.11 23.50 -12.92
C PHE B 157 3.54 24.78 -13.53
N ALA B 158 2.47 25.30 -12.94
CA ALA B 158 1.80 26.46 -13.50
C ALA B 158 2.78 27.61 -13.75
N PRO B 159 2.62 28.26 -14.90
CA PRO B 159 3.52 29.34 -15.30
C PRO B 159 3.17 30.67 -14.63
N ASP B 160 3.24 30.72 -13.31
CA ASP B 160 3.21 31.98 -12.59
C ASP B 160 4.19 31.94 -11.42
N ALA B 161 4.62 33.13 -11.04
CA ALA B 161 5.76 33.26 -10.15
C ALA B 161 5.48 32.66 -8.80
N ALA B 162 4.29 32.88 -8.29
CA ALA B 162 3.97 32.42 -6.96
C ALA B 162 3.99 30.89 -6.92
N ALA B 163 3.46 30.25 -7.95
CA ALA B 163 3.44 28.80 -8.02
C ALA B 163 4.86 28.19 -8.12
N ARG B 164 5.81 28.96 -8.65
CA ARG B 164 7.18 28.50 -8.80
C ARG B 164 8.10 28.66 -7.58
N GLU B 165 7.59 29.30 -6.55
CA GLU B 165 8.32 29.40 -5.30
C GLU B 165 8.51 28.00 -4.68
N HIS B 166 9.69 27.76 -4.13
CA HIS B 166 10.02 26.49 -3.52
C HIS B 166 9.28 26.31 -2.20
N ASP B 167 8.43 25.29 -2.10
CA ASP B 167 7.52 25.16 -0.97
C ASP B 167 7.76 23.84 -0.24
N PRO B 168 8.34 23.91 0.97
CA PRO B 168 8.70 22.71 1.69
C PRO B 168 7.54 21.81 2.03
N SER B 169 6.33 22.35 2.11
CA SER B 169 5.16 21.53 2.39
C SER B 169 4.99 20.46 1.27
N ARG B 170 5.54 20.74 0.09
CA ARG B 170 5.52 19.75 -0.99
C ARG B 170 6.28 18.45 -0.66
N LEU B 171 7.17 18.48 0.32
CA LEU B 171 7.84 17.26 0.72
C LEU B 171 6.80 16.29 1.29
N VAL B 172 6.00 16.78 2.22
CA VAL B 172 4.96 15.97 2.85
C VAL B 172 3.90 15.55 1.83
N ARG B 173 3.54 16.47 0.96
CA ARG B 173 2.78 16.14 -0.26
CA ARG B 173 2.75 16.12 -0.24
C ARG B 173 3.24 15.05 -1.29
N ALA B 174 4.50 15.02 -1.52
CA ALA B 174 5.18 13.97 -2.26
C ALA B 174 5.02 12.62 -1.56
N TYR B 175 5.16 12.62 -0.23
CA TYR B 175 5.02 11.41 0.52
C TYR B 175 3.56 10.88 0.45
N ALA B 176 2.58 11.74 0.67
CA ALA B 176 1.19 11.32 0.70
C ALA B 176 0.81 10.77 -0.66
N ASN B 177 1.16 11.46 -1.72
CA ASN B 177 0.93 10.96 -3.06
C ASN B 177 1.67 9.66 -3.38
N ALA B 178 2.91 9.56 -2.93
CA ALA B 178 3.69 8.38 -3.17
C ALA B 178 3.09 7.17 -2.48
N SER B 179 2.79 7.30 -1.20
CA SER B 179 2.28 6.18 -0.45
C SER B 179 0.93 5.71 -0.99
N ALA B 180 0.10 6.65 -1.46
CA ALA B 180 -1.19 6.29 -2.05
C ALA B 180 -1.06 5.57 -3.40
N ALA B 181 -0.10 6.00 -4.19
CA ALA B 181 0.14 5.37 -5.46
C ALA B 181 0.70 3.97 -5.23
N MET B 182 1.64 3.83 -4.29
CA MET B 182 2.23 2.55 -3.98
C MET B 182 1.20 1.55 -3.46
N ASN B 183 0.32 2.01 -2.59
CA ASN B 183 -0.77 1.18 -2.17
C ASN B 183 -1.52 0.58 -3.37
N LEU B 184 -1.83 1.43 -4.35
CA LEU B 184 -2.61 0.98 -5.48
C LEU B 184 -1.80 0.05 -6.39
N VAL B 185 -0.54 0.37 -6.60
CA VAL B 185 0.32 -0.51 -7.37
C VAL B 185 0.35 -1.90 -6.75
N ARG B 186 0.44 -1.96 -5.43
CA ARG B 186 0.45 -3.25 -4.72
C ARG B 186 -0.87 -3.99 -4.92
N ALA B 187 -1.98 -3.27 -4.77
CA ALA B 187 -3.29 -3.86 -4.89
C ALA B 187 -3.51 -4.37 -6.30
N LEU B 188 -3.13 -3.60 -7.30
CA LEU B 188 -3.34 -3.99 -8.66
C LEU B 188 -2.52 -5.23 -9.03
N THR B 189 -1.27 -5.27 -8.60
CA THR B 189 -0.38 -6.32 -9.04
C THR B 189 -0.69 -7.64 -8.35
N SER B 190 -1.34 -7.59 -7.19
CA SER B 190 -1.66 -8.80 -6.45
C SER B 190 -3.07 -9.29 -6.66
N SER B 191 -3.92 -8.52 -7.32
CA SER B 191 -5.33 -8.81 -7.34
C SER B 191 -5.89 -9.04 -8.74
N GLY B 192 -5.05 -9.08 -9.78
CA GLY B 192 -5.52 -9.46 -11.12
C GLY B 192 -5.02 -8.65 -12.30
N LEU B 193 -4.60 -7.40 -12.07
CA LEU B 193 -4.10 -6.60 -13.20
C LEU B 193 -2.84 -7.18 -13.81
N ALA B 194 -2.05 -7.87 -13.00
CA ALA B 194 -0.82 -8.46 -13.51
C ALA B 194 -0.95 -9.95 -13.84
N SER B 195 -2.16 -10.42 -14.09
CA SER B 195 -2.35 -11.76 -14.63
C SER B 195 -1.74 -11.83 -16.02
N LEU B 196 -0.83 -12.75 -16.22
CA LEU B 196 -0.13 -12.85 -17.51
C LEU B 196 -1.08 -12.98 -18.70
N HIS B 197 -2.16 -13.75 -18.51
CA HIS B 197 -3.12 -14.02 -19.58
C HIS B 197 -3.88 -12.77 -19.94
N LEU B 198 -4.31 -12.02 -18.93
CA LEU B 198 -4.98 -10.74 -19.17
C LEU B 198 -4.05 -9.74 -19.87
N VAL B 199 -2.81 -9.68 -19.42
CA VAL B 199 -1.89 -8.68 -20.01
C VAL B 199 -1.62 -9.00 -21.43
N HIS B 200 -1.40 -10.27 -21.69
CA HIS B 200 -1.17 -10.71 -23.04
C HIS B 200 -2.39 -10.47 -23.93
N ASP B 201 -3.60 -10.60 -23.38
CA ASP B 201 -4.77 -10.27 -24.18
C ASP B 201 -4.72 -8.80 -24.61
N TRP B 202 -4.27 -7.91 -23.73
CA TRP B 202 -4.13 -6.51 -24.19
C TRP B 202 -3.14 -6.41 -25.32
N ASN B 203 -2.06 -7.17 -25.27
CA ASN B 203 -1.09 -7.12 -26.36
C ASN B 203 -1.69 -7.62 -27.69
N ARG B 204 -2.55 -8.63 -27.61
CA ARG B 204 -3.18 -9.18 -28.81
C ARG B 204 -4.09 -8.13 -29.45
N GLU B 205 -4.83 -7.41 -28.62
CA GLU B 205 -5.62 -6.26 -29.08
C GLU B 205 -4.75 -5.18 -29.78
N PHE B 206 -3.59 -4.86 -29.22
CA PHE B 206 -2.68 -3.92 -29.87
C PHE B 206 -2.29 -4.41 -31.26
N VAL B 207 -1.92 -5.67 -31.37
CA VAL B 207 -1.51 -6.24 -32.64
C VAL B 207 -2.64 -6.17 -33.66
N ARG B 208 -3.85 -6.40 -33.18
CA ARG B 208 -5.02 -6.40 -34.03
C ARG B 208 -5.36 -5.00 -34.56
N THR B 209 -5.11 -3.94 -33.77
CA THR B 209 -5.49 -2.58 -34.16
C THR B 209 -4.35 -1.62 -34.54
N SER B 210 -3.11 -1.93 -34.19
CA SER B 210 -1.99 -1.05 -34.56
C SER B 210 -1.81 -0.98 -36.08
N PRO B 211 -1.41 0.18 -36.60
CA PRO B 211 -1.06 0.32 -38.02
C PRO B 211 0.08 -0.57 -38.49
N ALA B 212 0.97 -0.99 -37.61
CA ALA B 212 2.06 -1.92 -38.00
C ALA B 212 1.88 -3.31 -37.35
N GLY B 213 0.66 -3.61 -36.91
CA GLY B 213 0.37 -4.87 -36.24
C GLY B 213 0.78 -6.09 -37.02
N ALA B 214 0.69 -6.01 -38.35
CA ALA B 214 1.13 -7.09 -39.23
C ALA B 214 2.59 -7.40 -39.03
N ARG B 215 3.36 -6.35 -38.78
CA ARG B 215 4.78 -6.50 -38.53
C ARG B 215 5.09 -7.29 -37.22
N TYR B 216 4.22 -7.20 -36.23
CA TYR B 216 4.46 -7.77 -34.90
C TYR B 216 3.63 -9.02 -34.64
N GLU B 217 2.82 -9.38 -35.63
CA GLU B 217 1.87 -10.48 -35.51
C GLU B 217 2.54 -11.80 -35.25
N ALA B 218 3.63 -12.04 -35.94
CA ALA B 218 4.28 -13.32 -35.87
C ALA B 218 4.83 -13.57 -34.46
N LEU B 219 5.45 -12.53 -33.89
CA LEU B 219 6.01 -12.66 -32.56
C LEU B 219 4.90 -12.74 -31.55
N ALA B 220 3.84 -11.96 -31.76
CA ALA B 220 2.71 -12.02 -30.84
C ALA B 220 2.05 -13.41 -30.77
N THR B 221 2.02 -14.10 -31.91
CA THR B 221 1.44 -15.45 -31.99
C THR B 221 2.36 -16.46 -31.32
N GLU B 222 3.65 -16.27 -31.51
CA GLU B 222 4.63 -17.10 -30.87
C GLU B 222 4.53 -17.01 -29.35
N ILE B 223 4.30 -15.80 -28.85
CA ILE B 223 4.13 -15.58 -27.42
C ILE B 223 2.88 -16.29 -26.95
N ASP B 224 1.81 -16.11 -27.69
CA ASP B 224 0.54 -16.72 -27.36
C ASP B 224 0.65 -18.27 -27.24
N ARG B 225 1.34 -18.85 -28.21
CA ARG B 225 1.58 -20.29 -28.20
C ARG B 225 2.49 -20.74 -27.09
N GLY B 226 3.41 -19.86 -26.71
CA GLY B 226 4.25 -20.09 -25.55
C GLY B 226 3.45 -20.11 -24.27
N LEU B 227 2.52 -19.17 -24.14
CA LEU B 227 1.61 -19.14 -23.01
C LEU B 227 0.71 -20.38 -22.96
N ARG B 228 0.11 -20.74 -24.08
CA ARG B 228 -0.73 -21.92 -24.09
C ARG B 228 0.07 -23.20 -23.83
N PHE B 229 1.35 -23.24 -24.20
CA PHE B 229 2.21 -24.38 -23.90
C PHE B 229 2.29 -24.67 -22.41
N MET B 230 2.33 -23.61 -21.61
CA MET B 230 2.39 -23.74 -20.17
C MET B 230 1.17 -24.43 -19.65
N SER B 231 0.00 -24.01 -20.13
CA SER B 231 -1.24 -24.71 -19.75
C SER B 231 -1.23 -26.14 -20.26
N ALA B 232 -0.78 -26.33 -21.48
CA ALA B 232 -0.77 -27.68 -22.06
C ALA B 232 0.07 -28.60 -21.19
N CYS B 233 1.17 -28.07 -20.62
CA CYS B 233 2.07 -28.87 -19.80
C CYS B 233 1.62 -28.99 -18.36
N GLY B 234 0.48 -28.40 -18.01
CA GLY B 234 -0.07 -28.51 -16.68
C GLY B 234 0.71 -27.79 -15.59
N VAL B 235 1.29 -26.65 -15.96
N VAL B 235 1.45 -26.75 -15.93
CA VAL B 235 1.87 -25.71 -15.03
CA VAL B 235 2.25 -26.11 -14.92
C VAL B 235 1.41 -24.27 -15.29
C VAL B 235 1.38 -25.50 -13.81
N ALA B 236 0.16 -24.06 -15.68
N ALA B 236 1.81 -25.58 -12.55
CA ALA B 236 -0.38 -22.70 -15.69
CA ALA B 236 1.07 -24.93 -11.48
C ALA B 236 -0.83 -22.30 -14.28
C ALA B 236 1.09 -23.46 -11.88
N ASP B 237 0.14 -22.01 -13.42
N ASP B 237 -0.02 -22.77 -11.71
CA ASP B 237 -0.09 -21.89 -11.99
CA ASP B 237 -0.12 -21.48 -12.35
C ASP B 237 -0.22 -20.45 -11.43
C ASP B 237 -0.32 -20.26 -11.43
N ARG B 238 -0.21 -20.41 -10.11
CA ARG B 238 -0.30 -19.21 -9.26
C ARG B 238 0.72 -18.13 -9.68
N ASN B 239 1.92 -18.54 -10.08
CA ASN B 239 2.93 -17.57 -10.47
C ASN B 239 2.61 -16.78 -11.73
N LEU B 240 1.62 -17.21 -12.50
CA LEU B 240 1.15 -16.44 -13.63
C LEU B 240 0.09 -15.38 -13.29
N GLN B 241 -0.39 -15.35 -12.06
CA GLN B 241 -1.53 -14.51 -11.73
C GLN B 241 -1.12 -13.15 -11.18
N THR B 242 0.14 -13.02 -10.74
CA THR B 242 0.66 -11.80 -10.12
C THR B 242 2.08 -11.51 -10.63
N ALA B 243 2.51 -10.27 -10.43
CA ALA B 243 3.86 -9.88 -10.69
C ALA B 243 4.29 -8.86 -9.64
N GLU B 244 5.59 -8.68 -9.53
CA GLU B 244 6.16 -7.72 -8.62
C GLU B 244 6.56 -6.50 -9.43
N ILE B 245 6.01 -5.35 -9.08
CA ILE B 245 6.48 -4.09 -9.63
C ILE B 245 7.10 -3.26 -8.52
N TYR B 246 8.38 -2.96 -8.70
CA TYR B 246 9.16 -2.22 -7.73
C TYR B 246 9.03 -0.72 -8.01
N ALA B 247 9.24 0.08 -6.99
CA ALA B 247 9.16 1.54 -7.12
C ALA B 247 10.57 2.14 -7.22
N SER B 248 10.73 3.09 -8.12
CA SER B 248 11.99 3.77 -8.22
C SER B 248 11.76 5.22 -8.56
N HIS B 249 12.73 6.05 -8.21
CA HIS B 249 12.84 7.41 -8.68
C HIS B 249 14.30 7.92 -8.57
N GLU B 250 14.57 9.08 -9.16
CA GLU B 250 15.86 9.73 -8.97
C GLU B 250 15.93 10.30 -7.58
N ALA B 251 16.94 9.89 -6.83
CA ALA B 251 17.19 10.44 -5.52
C ALA B 251 17.84 11.83 -5.68
N LEU B 252 17.00 12.86 -5.60
CA LEU B 252 17.43 14.20 -5.95
C LEU B 252 17.35 15.09 -4.75
N VAL B 253 16.20 15.12 -4.09
CA VAL B 253 15.97 16.01 -2.98
C VAL B 253 16.41 15.38 -1.67
N LEU B 254 17.55 15.82 -1.17
CA LEU B 254 18.13 15.17 -0.01
C LEU B 254 17.34 15.37 1.26
N ASP B 255 16.61 16.47 1.39
CA ASP B 255 15.69 16.61 2.52
C ASP B 255 14.69 15.47 2.57
N TYR B 256 14.21 15.05 1.39
CA TYR B 256 13.21 13.97 1.32
C TYR B 256 13.84 12.61 1.57
N GLU B 257 14.92 12.31 0.85
CA GLU B 257 15.55 10.99 1.02
C GLU B 257 16.06 10.76 2.44
N ARG B 258 16.65 11.77 3.06
CA ARG B 258 17.17 11.59 4.43
C ARG B 258 16.07 11.37 5.45
N ALA B 259 14.90 11.98 5.23
CA ALA B 259 13.79 11.81 6.16
C ALA B 259 13.12 10.45 6.03
N MET B 260 13.28 9.83 4.86
CA MET B 260 12.68 8.50 4.62
C MET B 260 13.63 7.33 4.94
N LEU B 261 14.79 7.64 5.53
CA LEU B 261 15.73 6.64 5.97
C LEU B 261 15.16 5.91 7.18
N ARG B 262 15.35 4.60 7.19
CA ARG B 262 14.99 3.79 8.35
C ARG B 262 16.08 2.74 8.54
N LEU B 263 16.21 2.30 9.76
CA LEU B 263 17.25 1.38 10.16
C LEU B 263 16.63 0.01 10.14
N SER B 264 17.31 -0.97 9.56
N SER B 264 17.36 -0.97 9.62
CA SER B 264 16.82 -2.34 9.54
CA SER B 264 16.95 -2.36 9.73
C SER B 264 16.86 -2.97 10.93
C SER B 264 18.11 -3.34 9.70
N ASP B 265 16.05 -4.01 11.12
N ASP B 265 17.91 -4.46 10.39
CA ASP B 265 15.93 -4.72 12.39
CA ASP B 265 18.85 -5.58 10.38
C ASP B 265 17.21 -5.41 12.87
C ASP B 265 18.99 -6.40 11.66
N GLY B 266 18.03 -5.86 11.92
N GLY B 266 18.26 -7.51 11.67
CA GLY B 266 19.26 -6.54 12.27
CA GLY B 266 18.29 -8.47 12.76
C GLY B 266 19.03 -8.03 12.42
C GLY B 266 18.71 -9.75 12.09
N ASP B 267 17.83 -8.47 12.07
N ASP B 267 17.93 -10.15 11.09
CA ASP B 267 17.51 -9.89 12.15
CA ASP B 267 18.20 -11.35 10.30
C ASP B 267 18.44 -10.62 11.19
C ASP B 267 19.48 -11.20 9.49
N ASP B 268 18.64 -10.03 10.00
N ASP B 268 19.65 -10.03 8.89
CA ASP B 268 19.54 -10.61 9.02
CA ASP B 268 20.83 -9.74 8.08
C ASP B 268 20.71 -9.64 8.86
C ASP B 268 22.09 -9.78 8.93
N GLY B 269 21.85 -9.99 9.45
N GLY B 269 21.98 -9.26 10.14
CA GLY B 269 23.03 -9.15 9.38
CA GLY B 269 23.10 -9.24 11.07
C GLY B 269 22.91 -8.00 10.37
C GLY B 269 23.34 -7.86 11.64
N GLU B 270 23.93 -7.15 10.41
N GLU B 270 23.96 -6.99 10.86
CA GLU B 270 23.92 -5.98 11.29
CA GLU B 270 24.24 -5.65 11.31
C GLU B 270 22.99 -4.91 10.73
C GLU B 270 23.19 -4.68 10.77
N PRO B 271 22.44 -4.06 11.58
N PRO B 271 22.63 -3.83 11.71
CA PRO B 271 21.56 -3.00 11.09
CA PRO B 271 21.62 -2.92 11.15
C PRO B 271 22.23 -2.03 10.10
C PRO B 271 22.22 -1.97 10.12
N GLN B 272 21.48 -1.73 9.04
CA GLN B 272 21.86 -0.84 7.95
C GLN B 272 20.78 0.18 7.75
N LEU B 273 21.14 1.25 7.06
CA LEU B 273 20.19 2.25 6.65
C LEU B 273 19.60 1.89 5.30
N PHE B 274 18.28 1.95 5.25
CA PHE B 274 17.57 1.76 3.99
C PHE B 274 16.79 3.02 3.70
N ASP B 275 16.83 3.46 2.46
CA ASP B 275 15.97 4.57 2.02
C ASP B 275 14.62 3.96 1.64
N LEU B 276 13.60 4.15 2.50
CA LEU B 276 12.32 3.51 2.31
C LEU B 276 11.30 4.38 1.60
N SER B 277 11.79 5.27 0.76
CA SER B 277 10.93 6.05 -0.09
C SER B 277 10.71 5.33 -1.42
N ALA B 278 11.46 4.25 -1.63
CA ALA B 278 11.47 3.50 -2.86
C ALA B 278 12.22 2.19 -2.64
N HIS B 279 12.26 1.38 -3.68
CA HIS B 279 13.05 0.14 -3.62
C HIS B 279 14.44 0.39 -4.11
N THR B 280 14.54 1.08 -5.23
CA THR B 280 15.82 1.45 -5.79
C THR B 280 15.78 2.90 -6.29
N VAL B 281 16.93 3.58 -6.25
CA VAL B 281 17.01 4.95 -6.70
C VAL B 281 18.23 5.12 -7.56
N TRP B 282 18.22 6.16 -8.38
CA TRP B 282 19.39 6.46 -9.16
C TRP B 282 19.85 7.92 -8.97
N ILE B 283 21.09 8.16 -9.34
CA ILE B 283 21.70 9.49 -9.27
C ILE B 283 21.85 9.97 -10.70
N GLY B 284 21.29 11.13 -11.01
CA GLY B 284 21.37 11.66 -12.38
C GLY B 284 22.67 12.33 -12.78
N GLU B 285 22.76 12.72 -14.05
CA GLU B 285 23.96 13.33 -14.61
C GLU B 285 24.40 14.61 -13.91
N ARG B 286 23.45 15.37 -13.40
CA ARG B 286 23.77 16.69 -12.86
C ARG B 286 24.05 16.59 -11.41
N THR B 287 23.89 15.42 -10.82
CA THR B 287 24.12 15.28 -9.37
C THR B 287 25.11 14.19 -9.01
N ARG B 288 25.77 13.65 -10.00
CA ARG B 288 26.72 12.56 -9.76
C ARG B 288 28.15 13.00 -9.47
N GLN B 289 28.34 14.22 -8.97
CA GLN B 289 29.69 14.65 -8.56
C GLN B 289 30.31 13.59 -7.66
N ILE B 290 31.52 13.18 -7.99
CA ILE B 290 32.13 12.03 -7.36
C ILE B 290 32.31 12.23 -5.88
N ASP B 291 32.57 13.47 -5.49
CA ASP B 291 32.73 13.82 -4.09
C ASP B 291 31.53 14.59 -3.51
N GLY B 292 30.41 14.58 -4.22
CA GLY B 292 29.21 15.31 -3.79
C GLY B 292 28.39 14.48 -2.85
N ALA B 293 27.34 15.10 -2.34
CA ALA B 293 26.51 14.50 -1.34
C ALA B 293 25.67 13.34 -1.85
N HIS B 294 25.27 13.37 -3.14
CA HIS B 294 24.41 12.30 -3.67
C HIS B 294 25.11 10.95 -3.74
N ILE B 295 26.29 10.93 -4.32
CA ILE B 295 27.10 9.73 -4.38
C ILE B 295 27.40 9.26 -2.97
N ALA B 296 27.73 10.16 -2.07
CA ALA B 296 28.04 9.74 -0.68
C ALA B 296 26.83 9.19 0.06
N PHE B 297 25.66 9.80 -0.20
CA PHE B 297 24.42 9.32 0.38
C PHE B 297 24.13 7.90 -0.13
N ALA B 298 24.30 7.71 -1.42
CA ALA B 298 24.15 6.39 -2.01
C ALA B 298 25.10 5.34 -1.39
N GLN B 299 26.27 5.75 -0.94
CA GLN B 299 27.19 4.80 -0.29
C GLN B 299 26.76 4.39 1.08
N VAL B 300 25.91 5.19 1.73
CA VAL B 300 25.46 4.86 3.05
C VAL B 300 24.18 3.99 3.08
N ILE B 301 23.39 4.00 2.02
CA ILE B 301 22.13 3.25 2.04
C ILE B 301 22.31 1.85 1.47
N ALA B 302 21.44 0.94 1.86
CA ALA B 302 21.58 -0.44 1.45
C ALA B 302 20.85 -0.73 0.16
N ASN B 303 20.04 0.21 -0.35
CA ASN B 303 19.26 -0.07 -1.53
C ASN B 303 20.18 -0.32 -2.74
N PRO B 304 19.73 -1.12 -3.72
CA PRO B 304 20.36 -1.05 -5.03
C PRO B 304 20.30 0.35 -5.63
N VAL B 305 21.38 0.79 -6.30
CA VAL B 305 21.41 2.14 -6.84
C VAL B 305 21.90 2.11 -8.26
N GLY B 306 21.54 3.13 -9.02
CA GLY B 306 22.09 3.33 -10.33
C GLY B 306 22.69 4.71 -10.50
N VAL B 307 23.53 4.86 -11.52
CA VAL B 307 24.14 6.13 -11.88
C VAL B 307 24.04 6.32 -13.35
N LYS B 308 23.52 7.47 -13.76
CA LYS B 308 23.41 7.79 -15.18
C LYS B 308 24.78 8.23 -15.68
N LEU B 309 25.15 7.75 -16.87
CA LEU B 309 26.45 8.02 -17.49
C LEU B 309 26.19 8.59 -18.89
N GLY B 310 26.60 9.84 -19.09
CA GLY B 310 26.37 10.52 -20.36
C GLY B 310 27.63 10.48 -21.20
N PRO B 311 27.60 11.16 -22.33
CA PRO B 311 28.70 11.18 -23.27
C PRO B 311 30.05 11.70 -22.76
N ASN B 312 30.15 12.40 -21.65
CA ASN B 312 31.48 12.83 -21.19
C ASN B 312 32.08 11.85 -20.20
N MET B 313 31.44 10.71 -20.02
CA MET B 313 31.95 9.76 -19.06
C MET B 313 33.28 9.20 -19.57
N THR B 314 34.21 8.98 -18.66
CA THR B 314 35.41 8.24 -19.01
C THR B 314 35.41 6.88 -18.35
N PRO B 315 36.17 5.94 -18.93
CA PRO B 315 36.34 4.63 -18.35
C PRO B 315 36.84 4.69 -16.93
N GLU B 316 37.72 5.65 -16.66
CA GLU B 316 38.36 5.76 -15.34
C GLU B 316 37.36 6.22 -14.28
N LEU B 317 36.57 7.23 -14.58
CA LEU B 317 35.56 7.71 -13.64
C LEU B 317 34.50 6.64 -13.38
N ALA B 318 34.07 5.94 -14.44
CA ALA B 318 33.12 4.80 -14.28
C ALA B 318 33.61 3.78 -13.28
N VAL B 319 34.88 3.43 -13.41
CA VAL B 319 35.49 2.49 -12.44
C VAL B 319 35.47 3.07 -11.04
N GLU B 320 35.73 4.38 -10.93
CA GLU B 320 35.68 5.03 -9.61
C GLU B 320 34.25 4.96 -9.02
N TYR B 321 33.22 5.16 -9.82
CA TYR B 321 31.82 4.94 -9.34
C TYR B 321 31.60 3.50 -8.83
N VAL B 322 32.08 2.52 -9.60
CA VAL B 322 31.96 1.12 -9.20
C VAL B 322 32.66 0.89 -7.88
N GLU B 323 33.86 1.39 -7.75
CA GLU B 323 34.64 1.11 -6.55
C GLU B 323 34.11 1.81 -5.32
N ARG B 324 33.52 2.98 -5.49
CA ARG B 324 32.87 3.64 -4.35
C ARG B 324 31.48 3.09 -4.01
N LEU B 325 30.73 2.71 -5.03
CA LEU B 325 29.33 2.31 -4.80
C LEU B 325 29.11 0.81 -4.67
N ASP B 326 30.06 0.01 -5.17
CA ASP B 326 30.01 -1.44 -5.01
C ASP B 326 31.28 -1.96 -4.34
N PRO B 327 31.62 -1.41 -3.18
CA PRO B 327 32.91 -1.72 -2.58
C PRO B 327 33.04 -3.16 -2.12
N HIS B 328 31.93 -3.84 -1.89
CA HIS B 328 31.95 -5.23 -1.42
C HIS B 328 31.78 -6.24 -2.53
N ASN B 329 31.74 -5.78 -3.77
CA ASN B 329 31.53 -6.64 -4.93
C ASN B 329 30.28 -7.51 -4.76
N LYS B 330 29.12 -6.87 -4.69
CA LYS B 330 27.82 -7.51 -4.62
C LYS B 330 27.13 -7.31 -5.96
N PRO B 331 27.05 -8.37 -6.76
CA PRO B 331 26.40 -8.28 -8.05
C PRO B 331 25.00 -7.67 -7.90
N GLY B 332 24.67 -6.69 -8.73
CA GLY B 332 23.36 -6.10 -8.68
C GLY B 332 23.22 -4.86 -7.81
N ARG B 333 24.19 -4.61 -6.93
CA ARG B 333 24.12 -3.46 -6.05
C ARG B 333 24.17 -2.20 -6.88
N LEU B 334 24.88 -2.25 -7.99
CA LEU B 334 25.07 -1.08 -8.84
C LEU B 334 24.70 -1.30 -10.27
N THR B 335 23.89 -0.37 -10.79
CA THR B 335 23.54 -0.31 -12.17
C THR B 335 24.15 0.93 -12.80
N LEU B 336 24.79 0.75 -13.97
CA LEU B 336 25.31 1.85 -14.75
C LEU B 336 24.42 2.05 -15.94
N VAL B 337 23.74 3.19 -15.98
CA VAL B 337 22.80 3.46 -17.05
C VAL B 337 23.48 4.07 -18.24
N SER B 338 23.23 3.57 -19.44
CA SER B 338 23.88 4.18 -20.61
C SER B 338 22.98 5.19 -21.34
N ARG B 339 23.44 6.44 -21.37
CA ARG B 339 22.71 7.53 -22.03
C ARG B 339 23.64 8.39 -22.90
N MET B 340 24.02 7.87 -24.06
CA MET B 340 24.93 8.56 -24.97
C MET B 340 24.40 9.15 -26.27
N GLY B 341 23.14 8.91 -26.61
CA GLY B 341 22.62 9.34 -27.90
C GLY B 341 22.94 8.25 -28.91
N ASN B 342 22.07 8.06 -29.88
CA ASN B 342 22.20 6.91 -30.77
C ASN B 342 23.38 6.99 -31.73
N HIS B 343 23.71 8.21 -32.11
CA HIS B 343 24.89 8.48 -32.93
C HIS B 343 26.20 8.33 -32.16
N LYS B 344 26.18 8.19 -30.85
CA LYS B 344 27.43 8.08 -30.09
C LYS B 344 27.62 6.78 -29.31
N VAL B 345 26.55 6.03 -29.10
CA VAL B 345 26.65 4.90 -28.18
C VAL B 345 27.67 3.87 -28.66
N ARG B 346 27.70 3.58 -29.95
CA ARG B 346 28.58 2.53 -30.48
C ARG B 346 30.05 2.86 -30.27
N ASP B 347 30.37 4.16 -30.23
CA ASP B 347 31.75 4.60 -30.03
C ASP B 347 32.10 4.88 -28.57
N LEU B 348 31.21 5.47 -27.78
CA LEU B 348 31.62 5.83 -26.43
C LEU B 348 31.52 4.69 -25.42
N LEU B 349 30.58 3.78 -25.60
CA LEU B 349 30.32 2.77 -24.53
C LEU B 349 31.38 1.66 -24.41
N PRO B 350 31.93 1.17 -25.54
CA PRO B 350 32.83 0.02 -25.37
C PRO B 350 34.00 0.22 -24.42
N PRO B 351 34.73 1.35 -24.52
CA PRO B 351 35.84 1.47 -23.58
C PRO B 351 35.37 1.53 -22.12
N ILE B 352 34.19 2.08 -21.87
CA ILE B 352 33.70 2.14 -20.49
C ILE B 352 33.45 0.72 -20.01
N VAL B 353 32.75 -0.04 -20.84
CA VAL B 353 32.39 -1.41 -20.48
C VAL B 353 33.61 -2.28 -20.24
N GLU B 354 34.58 -2.21 -21.16
CA GLU B 354 35.80 -2.98 -21.01
C GLU B 354 36.52 -2.70 -19.71
N LYS B 355 36.68 -1.43 -19.37
CA LYS B 355 37.41 -1.07 -18.14
C LYS B 355 36.70 -1.55 -16.90
N VAL B 356 35.39 -1.38 -16.89
CA VAL B 356 34.61 -1.79 -15.72
C VAL B 356 34.62 -3.31 -15.59
N GLN B 357 34.45 -4.02 -16.69
CA GLN B 357 34.50 -5.50 -16.63
C GLN B 357 35.83 -5.99 -16.09
N ALA B 358 36.91 -5.30 -16.45
CA ALA B 358 38.25 -5.72 -16.00
C ALA B 358 38.41 -5.67 -14.49
N THR B 359 37.56 -4.91 -13.79
CA THR B 359 37.68 -4.81 -12.32
C THR B 359 37.23 -6.07 -11.59
N GLY B 360 36.52 -6.96 -12.27
CA GLY B 360 35.93 -8.13 -11.60
C GLY B 360 34.57 -7.89 -10.93
N HIS B 361 34.09 -6.65 -10.97
CA HIS B 361 32.77 -6.35 -10.38
C HIS B 361 31.72 -6.66 -11.41
N GLN B 362 30.52 -6.97 -10.93
CA GLN B 362 29.43 -7.27 -11.83
C GLN B 362 28.33 -6.25 -11.64
N VAL B 363 28.33 -5.28 -12.52
CA VAL B 363 27.30 -4.28 -12.57
C VAL B 363 26.25 -4.70 -13.56
N ILE B 364 25.09 -4.09 -13.47
CA ILE B 364 24.11 -4.22 -14.51
C ILE B 364 24.35 -3.09 -15.47
N TRP B 365 24.40 -3.40 -16.76
CA TRP B 365 24.50 -2.40 -17.82
C TRP B 365 23.12 -2.16 -18.34
N GLN B 366 22.62 -0.94 -18.17
CA GLN B 366 21.27 -0.64 -18.58
C GLN B 366 21.27 0.50 -19.59
N CYS B 367 20.43 0.41 -20.60
CA CYS B 367 20.41 1.42 -21.64
C CYS B 367 19.26 2.37 -21.37
N ASP B 368 19.57 3.67 -21.35
CA ASP B 368 18.58 4.71 -21.22
C ASP B 368 18.70 5.35 -22.59
N PRO B 369 17.83 4.96 -23.51
CA PRO B 369 17.83 5.48 -24.88
C PRO B 369 17.35 6.93 -25.07
N MET B 370 16.29 7.29 -24.38
CA MET B 370 15.64 8.61 -24.49
C MET B 370 16.32 9.94 -24.09
N HIS B 371 17.05 9.98 -22.97
CA HIS B 371 17.65 11.23 -22.54
C HIS B 371 18.68 11.86 -23.49
N GLY B 372 19.50 11.02 -24.10
CA GLY B 372 20.52 11.47 -25.05
C GLY B 372 19.99 11.76 -26.44
N ASN B 373 18.68 11.59 -26.67
CA ASN B 373 18.09 11.80 -28.02
C ASN B 373 16.92 12.77 -28.05
N THR B 374 17.02 13.84 -27.27
CA THR B 374 15.94 14.83 -27.24
C THR B 374 16.31 16.00 -28.13
N HIS B 375 15.36 16.49 -28.94
CA HIS B 375 15.53 17.75 -29.69
C HIS B 375 14.24 18.61 -29.68
N GLU B 376 14.32 19.80 -30.25
CA GLU B 376 13.20 20.74 -30.27
C GLU B 376 12.49 20.70 -31.61
N SER B 377 11.17 20.55 -31.62
CA SER B 377 10.44 20.54 -32.89
C SER B 377 10.34 21.95 -33.43
N SER B 378 10.04 22.06 -34.72
CA SER B 378 9.85 23.37 -35.35
C SER B 378 8.61 24.02 -34.74
N THR B 379 7.63 23.20 -34.40
CA THR B 379 6.41 23.66 -33.72
C THR B 379 6.63 24.07 -32.25
N GLY B 380 7.86 23.94 -31.75
CA GLY B 380 8.23 24.44 -30.41
C GLY B 380 8.10 23.47 -29.24
N PHE B 381 8.03 22.17 -29.53
CA PHE B 381 7.91 21.16 -28.47
C PHE B 381 9.21 20.40 -28.29
N LYS B 382 9.63 20.23 -27.04
CA LYS B 382 10.66 19.25 -26.69
C LYS B 382 10.16 17.85 -27.13
N THR B 383 10.92 17.16 -27.96
CA THR B 383 10.50 15.87 -28.48
C THR B 383 11.66 14.93 -28.76
N ARG B 384 11.33 13.70 -29.14
CA ARG B 384 12.34 12.70 -29.44
C ARG B 384 11.84 11.85 -30.60
N HIS B 385 12.71 11.43 -31.51
N HIS B 385 12.76 11.41 -31.45
CA HIS B 385 12.25 10.55 -32.56
CA HIS B 385 12.45 10.52 -32.57
C HIS B 385 12.41 9.10 -32.17
C HIS B 385 12.42 9.07 -32.07
N PHE B 386 11.31 8.37 -32.30
CA PHE B 386 11.22 6.96 -32.01
C PHE B 386 12.38 6.19 -32.62
N ASP B 387 12.66 6.44 -33.88
CA ASP B 387 13.73 5.76 -34.56
C ASP B 387 15.07 5.91 -33.87
N ARG B 388 15.32 7.09 -33.29
CA ARG B 388 16.61 7.34 -32.61
C ARG B 388 16.66 6.59 -31.30
N ILE B 389 15.52 6.51 -30.63
CA ILE B 389 15.39 5.76 -29.39
C ILE B 389 15.69 4.28 -29.65
N VAL B 390 15.03 3.72 -30.64
CA VAL B 390 15.25 2.32 -31.04
C VAL B 390 16.71 2.09 -31.40
N ASP B 391 17.26 3.01 -32.20
CA ASP B 391 18.63 2.87 -32.64
C ASP B 391 19.65 2.93 -31.52
N GLU B 392 19.41 3.73 -30.48
CA GLU B 392 20.35 3.68 -29.35
C GLU B 392 20.32 2.30 -28.69
N VAL B 393 19.13 1.72 -28.50
CA VAL B 393 19.04 0.39 -27.85
C VAL B 393 19.74 -0.63 -28.76
N GLN B 394 19.54 -0.49 -30.06
CA GLN B 394 20.26 -1.34 -31.04
C GLN B 394 21.77 -1.24 -30.88
N GLY B 395 22.27 -0.02 -30.82
CA GLY B 395 23.71 0.15 -30.70
C GLY B 395 24.24 -0.39 -29.40
N PHE B 396 23.47 -0.21 -28.34
CA PHE B 396 23.79 -0.78 -27.04
C PHE B 396 23.91 -2.30 -27.08
N PHE B 397 22.98 -2.95 -27.76
CA PHE B 397 23.08 -4.41 -27.92
C PHE B 397 24.36 -4.81 -28.69
N GLU B 398 24.64 -4.11 -29.78
CA GLU B 398 25.81 -4.40 -30.60
C GLU B 398 27.06 -4.24 -29.77
N VAL B 399 27.10 -3.19 -28.94
CA VAL B 399 28.26 -3.00 -28.09
C VAL B 399 28.46 -4.23 -27.21
N HIS B 400 27.40 -4.70 -26.56
CA HIS B 400 27.54 -5.84 -25.66
C HIS B 400 27.80 -7.18 -26.37
N ARG B 401 27.19 -7.39 -27.54
CA ARG B 401 27.43 -8.61 -28.31
C ARG B 401 28.90 -8.71 -28.64
N ALA B 402 29.48 -7.62 -29.12
CA ALA B 402 30.86 -7.62 -29.55
C ALA B 402 31.78 -7.92 -28.40
N LEU B 403 31.42 -7.49 -27.19
CA LEU B 403 32.31 -7.69 -26.06
C LEU B 403 32.02 -8.98 -25.32
N GLY B 404 30.91 -9.64 -25.61
CA GLY B 404 30.53 -10.81 -24.81
C GLY B 404 29.95 -10.43 -23.44
N THR B 405 29.52 -9.19 -23.27
CA THR B 405 28.95 -8.79 -21.98
C THR B 405 27.42 -8.83 -22.07
N HIS B 406 26.74 -8.68 -20.94
CA HIS B 406 25.29 -8.80 -20.87
C HIS B 406 24.61 -7.44 -21.05
N PRO B 407 23.85 -7.28 -22.13
CA PRO B 407 22.99 -6.11 -22.19
C PRO B 407 21.86 -6.31 -21.16
N GLY B 408 21.93 -5.61 -20.03
CA GLY B 408 21.16 -5.96 -18.87
C GLY B 408 19.74 -5.46 -18.77
N GLY B 409 19.42 -4.42 -19.50
CA GLY B 409 18.11 -3.80 -19.36
C GLY B 409 17.97 -2.47 -20.08
N ILE B 410 16.77 -1.92 -19.99
CA ILE B 410 16.48 -0.59 -20.49
C ILE B 410 15.76 0.24 -19.44
N HIS B 411 15.85 1.54 -19.62
CA HIS B 411 15.22 2.51 -18.72
C HIS B 411 14.58 3.53 -19.66
N VAL B 412 13.27 3.54 -19.67
CA VAL B 412 12.52 4.39 -20.56
C VAL B 412 11.47 5.25 -19.88
N GLU B 413 11.06 6.29 -20.56
CA GLU B 413 10.04 7.19 -20.08
C GLU B 413 8.81 6.87 -20.95
N ILE B 414 7.77 6.33 -20.31
CA ILE B 414 6.55 5.93 -21.00
C ILE B 414 5.28 6.24 -20.22
N THR B 415 4.14 6.07 -20.85
CA THR B 415 2.88 6.20 -20.16
C THR B 415 1.84 5.32 -20.84
N GLY B 416 0.84 4.93 -20.08
CA GLY B 416 -0.26 4.18 -20.65
C GLY B 416 -1.23 5.08 -21.39
N GLU B 417 -1.02 6.40 -21.34
CA GLU B 417 -1.91 7.34 -22.02
C GLU B 417 -1.61 7.39 -23.52
N ASN B 418 -2.60 7.72 -24.33
CA ASN B 418 -2.36 7.93 -25.76
C ASN B 418 -1.90 9.38 -26.07
N VAL B 419 -0.72 9.73 -25.58
CA VAL B 419 -0.20 11.07 -25.73
C VAL B 419 0.48 11.22 -27.08
N THR B 420 0.82 12.46 -27.42
CA THR B 420 1.54 12.76 -28.67
C THR B 420 2.78 13.57 -28.28
N GLU B 421 3.81 12.86 -27.83
CA GLU B 421 4.98 13.52 -27.26
C GLU B 421 6.27 13.20 -28.00
N CYS B 422 6.40 11.96 -28.44
CA CYS B 422 7.56 11.52 -29.22
C CYS B 422 7.08 11.33 -30.63
N LEU B 423 7.90 11.75 -31.58
CA LEU B 423 7.63 11.59 -33.00
C LEU B 423 7.82 10.15 -33.46
N GLY B 424 7.08 9.77 -34.48
CA GLY B 424 7.33 8.52 -35.17
C GLY B 424 6.53 7.39 -34.55
N GLY B 425 7.09 6.19 -34.62
CA GLY B 425 6.35 4.98 -34.26
C GLY B 425 5.36 4.61 -35.37
N ALA B 426 4.67 3.49 -35.22
CA ALA B 426 3.75 3.03 -36.25
C ALA B 426 2.62 4.03 -36.51
N GLN B 427 2.25 4.79 -35.49
CA GLN B 427 1.23 5.82 -35.64
C GLN B 427 1.77 7.01 -36.44
N ASP B 428 3.07 7.06 -36.64
CA ASP B 428 3.71 8.15 -37.37
C ASP B 428 3.30 9.51 -36.82
N ILE B 429 3.53 9.71 -35.53
CA ILE B 429 3.30 10.98 -34.89
C ILE B 429 4.18 12.07 -35.55
N SER B 430 3.55 13.12 -36.06
CA SER B 430 4.26 14.21 -36.76
C SER B 430 4.39 15.42 -35.86
N GLU B 431 5.20 16.38 -36.29
CA GLU B 431 5.42 17.63 -35.56
C GLU B 431 4.12 18.35 -35.27
N THR B 432 3.18 18.30 -36.21
CA THR B 432 1.88 18.94 -36.04
C THR B 432 0.97 18.12 -35.15
N ASP B 433 1.14 16.79 -35.15
CA ASP B 433 0.39 15.96 -34.21
C ASP B 433 0.73 16.31 -32.77
N LEU B 434 1.96 16.76 -32.51
CA LEU B 434 2.42 16.95 -31.14
C LEU B 434 1.48 17.76 -30.28
N ALA B 435 0.83 18.75 -30.89
CA ALA B 435 -0.05 19.66 -30.17
C ALA B 435 -1.32 19.00 -29.65
N GLY B 436 -1.65 17.82 -30.14
CA GLY B 436 -2.91 17.20 -29.77
C GLY B 436 -3.00 16.89 -28.30
N ARG B 437 -2.02 16.13 -27.78
CA ARG B 437 -2.02 15.67 -26.41
C ARG B 437 -0.59 15.64 -25.88
N TYR B 438 0.00 16.83 -25.76
CA TYR B 438 1.33 16.98 -25.20
C TYR B 438 1.13 17.29 -23.72
N GLU B 439 1.21 16.26 -22.90
CA GLU B 439 0.73 16.37 -21.52
C GLU B 439 1.82 16.24 -20.47
N THR B 440 3.02 15.83 -20.88
CA THR B 440 4.09 15.60 -19.91
C THR B 440 4.41 16.91 -19.16
N ALA B 441 4.70 16.80 -17.87
CA ALA B 441 5.17 17.94 -17.08
C ALA B 441 6.69 18.14 -17.23
N CYS B 442 7.34 17.27 -17.99
CA CYS B 442 8.75 17.43 -18.24
C CYS B 442 9.11 16.82 -19.61
N ASP B 443 9.89 15.75 -19.66
CA ASP B 443 10.34 15.18 -20.94
C ASP B 443 9.23 14.45 -21.67
N PRO B 444 9.35 14.36 -23.00
CA PRO B 444 8.42 13.64 -23.84
C PRO B 444 8.50 12.11 -23.65
N ARG B 445 7.36 11.52 -23.42
CA ARG B 445 7.25 10.10 -23.13
C ARG B 445 6.79 9.31 -24.36
N LEU B 446 7.22 8.05 -24.43
CA LEU B 446 6.57 7.13 -25.35
C LEU B 446 5.15 6.91 -24.88
N ASN B 447 4.20 6.97 -25.80
CA ASN B 447 2.82 6.65 -25.49
C ASN B 447 2.67 5.12 -25.39
N THR B 448 1.48 4.66 -25.06
CA THR B 448 1.29 3.26 -24.77
C THR B 448 1.66 2.38 -25.95
N GLN B 449 1.22 2.79 -27.14
CA GLN B 449 1.55 2.06 -28.37
C GLN B 449 3.00 2.09 -28.71
N GLN B 450 3.64 3.24 -28.57
CA GLN B 450 5.04 3.32 -28.91
C GLN B 450 5.86 2.51 -27.93
N SER B 451 5.47 2.50 -26.64
CA SER B 451 6.21 1.76 -25.65
C SER B 451 6.13 0.24 -25.94
N LEU B 452 4.98 -0.24 -26.36
CA LEU B 452 4.79 -1.66 -26.65
C LEU B 452 5.56 -2.03 -27.91
N GLU B 453 5.49 -1.14 -28.90
CA GLU B 453 6.24 -1.34 -30.11
C GLU B 453 7.73 -1.42 -29.84
N LEU B 454 8.22 -0.58 -28.95
CA LEU B 454 9.61 -0.66 -28.61
C LEU B 454 9.93 -2.01 -27.98
N ALA B 455 9.02 -2.50 -27.14
CA ALA B 455 9.25 -3.80 -26.51
C ALA B 455 9.37 -4.89 -27.57
N PHE B 456 8.50 -4.85 -28.57
CA PHE B 456 8.60 -5.79 -29.67
C PHE B 456 9.94 -5.72 -30.37
N LEU B 457 10.39 -4.49 -30.66
CA LEU B 457 11.66 -4.31 -31.38
C LEU B 457 12.84 -4.75 -30.54
N VAL B 458 12.76 -4.54 -29.24
CA VAL B 458 13.84 -4.96 -28.36
C VAL B 458 13.83 -6.47 -28.16
N ALA B 459 12.66 -7.09 -28.15
CA ALA B 459 12.61 -8.54 -28.05
C ALA B 459 13.33 -9.15 -29.25
N GLU B 460 13.21 -8.53 -30.42
CA GLU B 460 13.92 -9.03 -31.58
C GLU B 460 15.42 -8.85 -31.44
N MET B 461 15.86 -7.83 -30.73
CA MET B 461 17.31 -7.67 -30.50
C MET B 461 17.78 -8.73 -29.55
N LEU B 462 16.95 -9.02 -28.54
CA LEU B 462 17.22 -10.12 -27.63
C LEU B 462 17.30 -11.48 -28.33
N ARG B 463 16.38 -11.71 -29.25
CA ARG B 463 16.33 -12.98 -29.96
C ARG B 463 17.51 -13.08 -30.94
N ASP B 464 18.00 -11.94 -31.41
CA ASP B 464 19.21 -11.89 -32.25
C ASP B 464 19.06 -12.87 -33.39
MN MN C . -14.70 -0.04 20.72
N TRP D . -1.58 -18.39 3.85
CA TRP D . -2.20 -19.32 4.85
C TRP D . -3.35 -18.62 5.55
O TRP D . -3.50 -17.42 5.45
CB TRP D . -1.15 -19.78 5.86
CG TRP D . -0.52 -18.68 6.70
CD1 TRP D . 0.57 -17.95 6.38
CD2 TRP D . -0.95 -18.22 7.97
NE1 TRP D . 0.85 -17.04 7.39
CE2 TRP D . -0.08 -17.19 8.37
CE3 TRP D . -2.01 -18.58 8.82
CZ2 TRP D . -0.23 -16.52 9.56
CZ3 TRP D . -2.14 -17.92 10.02
CH2 TRP D . -1.25 -16.89 10.38
OXT TRP D . -4.18 -19.35 6.23
S SO4 E . -21.68 16.03 18.43
O1 SO4 E . -20.66 14.94 18.36
O2 SO4 E . -21.27 17.24 17.68
O3 SO4 E . -22.93 15.52 17.83
O4 SO4 E . -21.93 16.45 19.84
N TRP F . -0.04 10.37 10.80
CA TRP F . 0.58 11.73 10.99
C TRP F . -0.45 12.83 10.75
O TRP F . -0.21 14.02 11.23
CB TRP F . 1.74 11.96 10.03
CG TRP F . 1.27 12.25 8.65
CD1 TRP F . 1.10 13.47 8.08
CD2 TRP F . 0.87 11.29 7.68
NE1 TRP F . 0.62 13.34 6.81
CE2 TRP F . 0.48 12.00 6.53
CE3 TRP F . 0.80 9.90 7.66
CZ2 TRP F . 0.05 11.38 5.39
CZ3 TRP F . 0.35 9.27 6.53
CH2 TRP F . -0.02 10.02 5.41
OXT TRP F . -1.48 12.51 10.09
C1 GOL G . -4.42 -8.64 0.35
O1 GOL G . -5.73 -8.50 -0.26
C2 GOL G . -4.26 -7.43 1.27
O2 GOL G . -5.47 -7.33 2.01
C3 GOL G . -3.00 -7.39 2.17
O3 GOL G . -2.73 -8.51 3.05
P PO4 H . -21.05 -0.95 18.97
O1 PO4 H . -19.55 -0.84 18.71
O2 PO4 H . -21.43 -2.42 18.87
O3 PO4 H . -21.74 -0.17 17.90
O4 PO4 H . -21.40 -0.56 20.37
C1 GOL I . -1.32 15.42 3.72
O1 GOL I . -1.71 14.80 4.95
C2 GOL I . -2.54 16.08 3.09
O2 GOL I . -3.34 15.08 2.46
C3 GOL I . -2.14 17.14 2.07
O3 GOL I . -2.96 17.11 0.90
S SO4 J . 16.97 22.48 -18.31
O1 SO4 J . 17.43 22.45 -19.71
O2 SO4 J . 17.89 21.72 -17.45
O3 SO4 J . 15.63 21.89 -18.26
O4 SO4 J . 16.95 23.89 -17.85
MN MN K . 13.06 12.40 -18.30
N TRP L . -2.97 14.09 -5.63
CA TRP L . -3.95 15.09 -5.12
C TRP L . -3.20 16.19 -4.32
O TRP L . -2.10 15.91 -3.83
CB TRP L . -5.08 14.46 -4.25
CG TRP L . -4.72 14.31 -2.82
CD1 TRP L . -4.92 15.22 -1.82
CD2 TRP L . -4.04 13.19 -2.21
NE1 TRP L . -4.44 14.74 -0.63
CE2 TRP L . -3.90 13.50 -0.85
CE3 TRP L . -3.56 11.96 -2.71
CZ2 TRP L . -3.29 12.61 0.05
CZ3 TRP L . -2.95 11.08 -1.82
CH2 TRP L . -2.83 11.41 -0.45
OXT TRP L . -3.74 17.30 -4.19
N TRP M . 5.17 -13.79 -12.14
CA TRP M . 5.96 -14.00 -13.38
C TRP M . 6.87 -12.81 -13.61
O TRP M . 7.77 -12.97 -14.54
CB TRP M . 5.04 -14.20 -14.57
CG TRP M . 4.13 -13.08 -14.83
CD1 TRP M . 2.88 -12.87 -14.30
CD2 TRP M . 4.37 -12.00 -15.74
NE1 TRP M . 2.35 -11.71 -14.81
CE2 TRP M . 3.25 -11.15 -15.68
CE3 TRP M . 5.45 -11.66 -16.58
CZ2 TRP M . 3.15 -9.98 -16.44
CZ3 TRP M . 5.36 -10.50 -17.32
CH2 TRP M . 4.21 -9.68 -17.26
OXT TRP M . 6.69 -11.81 -12.96
C1 GOL N . 33.34 5.54 3.05
O1 GOL N . 33.66 6.41 1.93
C2 GOL N . 32.01 5.90 3.70
O2 GOL N . 32.06 5.68 5.13
C3 GOL N . 30.93 5.02 3.07
O3 GOL N . 29.60 5.43 3.46
C1 GOL O . 6.24 -6.29 -4.12
O1 GOL O . 7.62 -6.08 -3.73
C2 GOL O . 5.88 -5.37 -5.29
O2 GOL O . 6.34 -4.04 -5.03
C3 GOL O . 4.37 -5.36 -5.55
O3 GOL O . 4.08 -5.27 -6.98
P PO4 P . 19.68 12.34 -16.74
O1 PO4 P . 20.27 12.60 -15.39
O2 PO4 P . 19.98 13.41 -17.73
O3 PO4 P . 20.27 11.09 -17.31
O4 PO4 P . 18.20 12.07 -16.60
N TRP Q . 16.67 11.17 9.34
CA TRP Q . 17.86 11.58 10.19
C TRP Q . 18.64 12.71 9.51
O TRP Q . 19.65 13.09 10.02
CB TRP Q . 18.74 10.36 10.54
CG TRP Q . 18.22 9.43 11.58
CD1 TRP Q . 18.19 9.63 12.95
CD2 TRP Q . 17.65 8.13 11.37
NE1 TRP Q . 17.66 8.54 13.58
CE2 TRP Q . 17.32 7.61 12.64
CE3 TRP Q . 17.41 7.36 10.23
CZ2 TRP Q . 16.74 6.35 12.80
CZ3 TRP Q . 16.85 6.11 10.40
CH2 TRP Q . 16.52 5.61 11.67
OXT TRP Q . 18.19 13.19 8.44
CL CL R . 20.93 9.69 15.66
C1 GOL S . 12.06 -11.45 -11.74
O1 GOL S . 13.11 -11.69 -10.79
C2 GOL S . 10.81 -10.90 -11.04
O2 GOL S . 11.11 -9.68 -10.31
C3 GOL S . 10.25 -11.98 -10.12
O3 GOL S . 9.05 -11.51 -9.52
#